data_7ZLG
#
_entry.id   7ZLG
#
_cell.length_a   1.00
_cell.length_b   1.00
_cell.length_c   1.00
_cell.angle_alpha   90.00
_cell.angle_beta   90.00
_cell.angle_gamma   90.00
#
_symmetry.space_group_name_H-M   'P 1'
#
loop_
_entity.id
_entity.type
_entity.pdbx_description
1 polymer 'CMT2-Fab heavy chain'
2 polymer 'Anti-Fab nanobody'
3 polymer 'CMT2-Fab light chain'
4 polymer 'C-mannosyltransferase dpy-19'
5 polymer 'Synthetic octapeptide WEHI 1886493'
6 water water
#
loop_
_entity_poly.entity_id
_entity_poly.type
_entity_poly.pdbx_seq_one_letter_code
_entity_poly.pdbx_strand_id
1 'polypeptide(L)'
;EISEVQLVESGGGLVQPGGSLRLSCAASGFNISSSSIHWVRQAPGKGLEWVASISSSYGYTSYADSVKGRFTISADTSKN
TAYLQMNSLRAEDTAVYYCARSSSVYWSWWGYSAFDYWGQGTLVTVSSASTKGPSVFPLAPSSKSTSGGTAALGCLVKDY
FPEPVTVSWNSGALTSGVHTFPAVLQSSGLYSLSSVVTVPSSSLGTQTYICNVNHKPSNTKVDKKVEPKSCDKTHT
;
H
2 'polypeptide(L)'
;GSQVQLQESGGGLVQPGGSLRLSCAASGRTISRYAMSWFRQAPGKEREFVAVARRSGDGAFYADSVQGRFTVSRDDAKNT
VYLQMNSLKPEDTAVYYCAIDSDTFYSGSYDYWGQGTQVTVSS
;
K
3 'polypeptide(L)'
;SDIQMTQSPSSLSASVGDRVTITCRASQSVSSAVAWYQQKPGKAPKLLIYSASSLYSGVPSRFSGSRSGTDFTLTISSLQ
PEDFATYYCQQGASEPITFGQGTKVEIKRTVAAPSVFIFPPSDSQLKSGTASVVCLLNNFYPREAKVQWKVDNALQSGNS
QESVTEQDSKDSTYSLSSTLTLSKADYEKHKVYACEVTHQGLSSPVTKSFNRGEC
;
L
4 'polypeptide(L)'
;MAKKPKNSPEKSKYSSDTSSSLYSQTWLASVVIIGLLVGYINYQHVYTLFENDKHFSHLADFEREMAYRTEMGLYYSYYK
TIINAPSFLEGVQEITHDTVTEHGHEINTLNRFNLYPEVILAFLYRPFRAFAKSANWQIELCWQVNRGELRPVESCEGIG
NPHYFYITGVFIVAGTVASSIFYLGVLVSDSIFGGFLSVLCFAFNHGEATRVQWTPPLRESFAFPFIIGHIAILTFVIKY
KKSGHSMILLLTSMAVPALLFWQFTQFAFFTQICSIFLAFSLDLIPFSTAKTVIHSHIISFLIGFLLLFGNEMMITALYF
PSILALGMIIYISPLLSNLKFRPAYVLFLAIIFASITLGLKIGLSKGLGIEDDAHIFDILRSKFTSFANFHTRLYTCSAE
FDFIQYSTIEKLCGTLLIPLALISLVTFVFNFVKNTNLLWRNSEEIGENGEILYNVVQLCCSTVMAFLIMRLKLFMTPHL
CIVAALFANSKLLGGDRISKTIRVSALVGVIAILFYRGIPNIRQQLNVKGEYSNPDQEMLFDWIQHNTKQDAVFAGTMPV
MANVKLTTLRPIVNHPHYEHVGIRERTLKVYSMFSKKPIAEVHKIMKEMGVNYFVFQLMNCSNDERRPECVYRGMWDEED
PKNSGRTALCDLWILAANSKDNSRIAPFKIVYNANRNYIVLKILEDYKDHDGDYKDHDIDYKDDDDK
;
A
5 'polypeptide(L)' GSWAKWS P
#
# COMPACT_ATOMS: atom_id res chain seq x y z
N GLU A 4 -4.37 42.99 -3.06
CA GLU A 4 -4.80 41.73 -2.47
C GLU A 4 -4.19 40.55 -3.21
N VAL A 5 -4.34 39.35 -2.64
CA VAL A 5 -3.83 38.15 -3.27
C VAL A 5 -4.61 37.88 -4.55
N GLN A 6 -3.88 37.71 -5.65
CA GLN A 6 -4.52 37.45 -6.93
C GLN A 6 -3.52 36.73 -7.84
N LEU A 7 -4.07 35.99 -8.80
CA LEU A 7 -3.28 35.24 -9.76
C LEU A 7 -3.51 35.80 -11.16
N VAL A 8 -2.44 36.06 -11.89
CA VAL A 8 -2.50 36.57 -13.25
C VAL A 8 -1.72 35.61 -14.14
N GLU A 9 -2.25 35.33 -15.32
CA GLU A 9 -1.61 34.42 -16.26
C GLU A 9 -1.53 35.07 -17.63
N SER A 10 -0.46 34.76 -18.36
CA SER A 10 -0.26 35.32 -19.68
C SER A 10 0.48 34.32 -20.56
N GLY A 11 0.23 34.39 -21.85
CA GLY A 11 0.89 33.52 -22.81
C GLY A 11 -0.04 32.81 -23.78
N GLY A 12 -1.35 32.97 -23.60
CA GLY A 12 -2.30 32.32 -24.47
C GLY A 12 -2.48 33.02 -25.80
N GLY A 13 -3.17 32.32 -26.71
CA GLY A 13 -3.43 32.87 -28.03
C GLY A 13 -3.59 31.84 -29.12
N LEU A 14 -2.84 32.00 -30.21
CA LEU A 14 -2.89 31.12 -31.36
C LEU A 14 -1.55 30.43 -31.53
N VAL A 15 -1.58 29.14 -31.90
CA VAL A 15 -0.34 28.40 -32.14
C VAL A 15 -0.66 27.24 -33.08
N GLN A 16 0.36 26.76 -33.79
CA GLN A 16 0.21 25.62 -34.69
C GLN A 16 0.54 24.32 -33.96
N PRO A 17 -0.25 23.26 -34.21
CA PRO A 17 -0.08 22.02 -33.45
C PRO A 17 1.31 21.43 -33.63
N GLY A 18 1.83 20.84 -32.56
CA GLY A 18 3.14 20.22 -32.57
C GLY A 18 4.28 21.14 -32.21
N GLY A 19 4.03 22.42 -32.01
CA GLY A 19 5.05 23.38 -31.65
C GLY A 19 5.25 23.47 -30.16
N SER A 20 5.89 24.57 -29.75
CA SER A 20 6.21 24.82 -28.35
C SER A 20 5.59 26.14 -27.92
N LEU A 21 5.11 26.19 -26.68
CA LEU A 21 4.56 27.40 -26.09
C LEU A 21 5.11 27.55 -24.68
N ARG A 22 5.19 28.80 -24.22
CA ARG A 22 5.93 29.09 -22.98
C ARG A 22 5.25 30.29 -22.31
N LEU A 23 4.38 30.00 -21.34
CA LEU A 23 3.56 31.03 -20.69
C LEU A 23 3.95 31.14 -19.22
N SER A 24 3.36 32.13 -18.55
CA SER A 24 3.73 32.46 -17.18
C SER A 24 2.49 32.72 -16.33
N CYS A 25 2.64 32.50 -15.03
CA CYS A 25 1.64 32.82 -14.02
C CYS A 25 2.31 33.53 -12.87
N ALA A 26 1.95 34.77 -12.63
CA ALA A 26 2.46 35.58 -11.54
C ALA A 26 1.38 35.76 -10.47
N ALA A 27 1.83 36.14 -9.28
CA ALA A 27 0.94 36.26 -8.13
C ALA A 27 1.22 37.57 -7.41
N SER A 28 0.15 38.22 -6.95
CA SER A 28 0.24 39.47 -6.20
C SER A 28 -0.26 39.24 -4.79
N GLY A 29 0.50 39.68 -3.80
CA GLY A 29 0.15 39.45 -2.42
C GLY A 29 1.02 38.40 -1.76
N PHE A 30 0.47 37.19 -1.61
CA PHE A 30 1.21 36.11 -0.96
C PHE A 30 2.48 35.77 -1.74
N ASN A 31 3.51 35.37 -0.99
CA ASN A 31 4.78 34.98 -1.57
C ASN A 31 4.75 33.52 -1.98
N ILE A 32 5.51 33.18 -3.01
CA ILE A 32 5.62 31.82 -3.51
C ILE A 32 6.37 30.97 -2.49
N SER A 33 6.32 29.65 -2.66
CA SER A 33 6.92 28.63 -1.80
C SER A 33 6.16 28.47 -0.49
N SER A 34 5.15 29.30 -0.23
CA SER A 34 4.28 29.10 0.92
C SER A 34 3.04 28.29 0.59
N SER A 35 2.83 27.97 -0.69
CA SER A 35 1.64 27.23 -1.10
C SER A 35 1.90 26.62 -2.47
N SER A 36 1.09 25.62 -2.81
CA SER A 36 1.17 24.96 -4.10
C SER A 36 0.26 25.68 -5.12
N ILE A 37 0.61 25.53 -6.39
CA ILE A 37 -0.17 26.12 -7.46
C ILE A 37 -0.42 25.08 -8.56
N HIS A 38 -1.63 25.07 -9.08
CA HIS A 38 -2.09 24.09 -10.05
C HIS A 38 -2.57 24.78 -11.31
N TRP A 39 -2.57 24.03 -12.41
CA TRP A 39 -3.09 24.49 -13.69
C TRP A 39 -4.31 23.66 -14.06
N VAL A 40 -5.41 24.34 -14.41
CA VAL A 40 -6.66 23.69 -14.77
C VAL A 40 -7.05 24.13 -16.17
N ARG A 41 -7.36 23.16 -17.03
CA ARG A 41 -7.78 23.44 -18.40
C ARG A 41 -9.28 23.26 -18.56
N GLN A 42 -9.87 24.06 -19.44
CA GLN A 42 -11.28 23.94 -19.80
C GLN A 42 -11.39 24.05 -21.31
N ALA A 43 -11.77 22.94 -21.95
CA ALA A 43 -12.01 22.93 -23.38
C ALA A 43 -13.43 23.42 -23.67
N PRO A 44 -13.68 23.95 -24.87
CA PRO A 44 -15.06 24.42 -25.22
C PRO A 44 -16.10 23.32 -25.15
N GLY A 45 -17.16 23.57 -24.39
CA GLY A 45 -18.20 22.58 -24.20
C GLY A 45 -17.85 21.46 -23.25
N LYS A 46 -16.72 21.54 -22.57
CA LYS A 46 -16.24 20.49 -21.68
C LYS A 46 -16.10 21.05 -20.27
N GLY A 47 -15.86 20.13 -19.33
CA GLY A 47 -15.70 20.50 -17.94
C GLY A 47 -14.26 20.84 -17.58
N LEU A 48 -14.04 21.06 -16.30
CA LEU A 48 -12.72 21.41 -15.78
C LEU A 48 -11.89 20.15 -15.61
N GLU A 49 -10.66 20.19 -16.12
CA GLU A 49 -9.72 19.07 -16.01
C GLU A 49 -8.43 19.57 -15.40
N TRP A 50 -8.01 18.92 -14.31
CA TRP A 50 -6.73 19.26 -13.70
C TRP A 50 -5.58 18.84 -14.62
N VAL A 51 -4.57 19.70 -14.72
CA VAL A 51 -3.46 19.50 -15.64
C VAL A 51 -2.18 19.13 -14.90
N ALA A 52 -1.70 20.02 -14.04
CA ALA A 52 -0.43 19.82 -13.36
C ALA A 52 -0.41 20.65 -12.09
N SER A 53 0.58 20.38 -11.24
CA SER A 53 0.71 21.07 -9.97
C SER A 53 2.17 21.18 -9.59
N ILE A 54 2.49 22.20 -8.79
CA ILE A 54 3.86 22.40 -8.35
C ILE A 54 3.85 23.06 -6.98
N SER A 55 4.66 22.53 -6.08
CA SER A 55 4.98 23.13 -4.79
C SER A 55 6.43 23.58 -4.84
N SER A 56 6.66 24.89 -4.77
CA SER A 56 7.99 25.46 -4.88
C SER A 56 8.72 25.55 -3.55
N SER A 57 8.10 25.10 -2.45
CA SER A 57 8.76 25.15 -1.14
C SER A 57 10.05 24.34 -1.14
N TYR A 58 10.00 23.12 -1.69
CA TYR A 58 11.19 22.29 -1.78
C TYR A 58 11.34 21.62 -3.15
N GLY A 59 10.48 21.96 -4.12
CA GLY A 59 10.67 21.49 -5.47
C GLY A 59 9.93 20.22 -5.84
N TYR A 60 8.61 20.19 -5.66
CA TYR A 60 7.80 19.08 -6.11
C TYR A 60 6.98 19.49 -7.33
N THR A 61 7.01 18.65 -8.37
CA THR A 61 6.21 18.85 -9.56
C THR A 61 5.43 17.58 -9.85
N SER A 62 4.18 17.73 -10.28
CA SER A 62 3.36 16.58 -10.63
C SER A 62 2.52 16.91 -11.86
N TYR A 63 2.21 15.88 -12.64
CA TYR A 63 1.50 16.03 -13.90
C TYR A 63 0.37 15.01 -13.99
N ALA A 64 -0.61 15.31 -14.82
CA ALA A 64 -1.68 14.37 -15.10
C ALA A 64 -1.18 13.28 -16.04
N ASP A 65 -1.80 12.10 -15.93
CA ASP A 65 -1.36 10.95 -16.73
C ASP A 65 -1.52 11.21 -18.22
N SER A 66 -2.63 11.81 -18.63
CA SER A 66 -2.90 12.03 -20.04
C SER A 66 -1.94 13.00 -20.70
N VAL A 67 -1.17 13.77 -19.92
CA VAL A 67 -0.28 14.78 -20.48
C VAL A 67 1.12 14.64 -19.88
N LYS A 68 1.39 13.51 -19.25
CA LYS A 68 2.69 13.31 -18.61
C LYS A 68 3.73 12.96 -19.66
N GLY A 69 4.74 13.81 -19.80
CA GLY A 69 5.79 13.64 -20.77
C GLY A 69 6.02 14.83 -21.68
N ARG A 70 5.18 15.87 -21.61
CA ARG A 70 5.32 17.05 -22.44
C ARG A 70 5.36 18.34 -21.64
N PHE A 71 4.64 18.41 -20.53
CA PHE A 71 4.49 19.67 -19.82
C PHE A 71 5.66 19.87 -18.86
N THR A 72 6.02 21.12 -18.60
CA THR A 72 7.09 21.39 -17.64
C THR A 72 6.80 22.69 -16.89
N ILE A 73 6.92 22.65 -15.58
CA ILE A 73 6.71 23.83 -14.73
C ILE A 73 7.99 24.13 -13.97
N SER A 74 8.40 25.39 -13.98
CA SER A 74 9.54 25.86 -13.21
C SER A 74 9.13 27.10 -12.43
N ALA A 75 9.34 27.08 -11.12
CA ALA A 75 8.90 28.19 -10.26
C ALA A 75 10.11 28.78 -9.56
N ASP A 76 10.25 30.10 -9.62
CA ASP A 76 11.31 30.82 -8.92
C ASP A 76 10.74 31.53 -7.71
N THR A 77 11.63 31.83 -6.75
CA THR A 77 11.24 32.47 -5.50
C THR A 77 11.55 33.95 -5.44
N SER A 78 12.51 34.43 -6.24
CA SER A 78 12.86 35.85 -6.19
C SER A 78 11.76 36.72 -6.77
N LYS A 79 11.20 36.33 -7.91
CA LYS A 79 10.20 37.13 -8.60
C LYS A 79 8.78 36.63 -8.41
N ASN A 80 8.57 35.57 -7.62
CA ASN A 80 7.25 35.13 -7.20
C ASN A 80 6.35 34.81 -8.39
N THR A 81 6.78 33.85 -9.19
CA THR A 81 6.01 33.45 -10.37
C THR A 81 6.43 32.04 -10.79
N ALA A 82 5.60 31.45 -11.64
CA ALA A 82 5.88 30.14 -12.21
C ALA A 82 5.76 30.22 -13.73
N TYR A 83 6.48 29.32 -14.41
CA TYR A 83 6.64 29.33 -15.84
C TYR A 83 6.30 27.95 -16.37
N LEU A 84 5.33 27.88 -17.28
CA LEU A 84 4.82 26.61 -17.80
C LEU A 84 5.15 26.51 -19.29
N GLN A 85 5.70 25.37 -19.69
CA GLN A 85 6.16 25.15 -21.05
C GLN A 85 5.53 23.88 -21.61
N MET A 86 5.02 24.00 -22.84
CA MET A 86 4.43 22.90 -23.58
C MET A 86 5.22 22.67 -24.85
N ASN A 87 5.28 21.40 -25.27
CA ASN A 87 5.83 21.05 -26.58
C ASN A 87 5.01 19.92 -27.19
N SER A 88 5.06 19.84 -28.52
CA SER A 88 4.35 18.82 -29.28
C SER A 88 2.85 18.85 -28.98
N LEU A 89 2.24 19.99 -29.27
CA LEU A 89 0.82 20.16 -29.03
C LEU A 89 0.00 19.29 -29.96
N ARG A 90 -1.11 18.77 -29.44
CA ARG A 90 -2.06 17.99 -30.21
C ARG A 90 -3.19 18.87 -30.71
N ALA A 91 -4.13 18.27 -31.43
CA ALA A 91 -5.26 19.00 -31.99
C ALA A 91 -6.41 19.18 -31.02
N GLU A 92 -6.41 18.47 -29.89
CA GLU A 92 -7.46 18.60 -28.88
C GLU A 92 -6.95 19.21 -27.58
N ASP A 93 -5.77 19.80 -27.58
CA ASP A 93 -5.25 20.48 -26.39
C ASP A 93 -5.70 21.93 -26.29
N THR A 94 -6.42 22.44 -27.27
CA THR A 94 -6.91 23.82 -27.21
C THR A 94 -7.90 23.98 -26.05
N ALA A 95 -7.69 25.05 -25.27
CA ALA A 95 -8.49 25.26 -24.06
C ALA A 95 -8.15 26.59 -23.39
N VAL A 96 -8.90 26.94 -22.36
CA VAL A 96 -8.59 28.08 -21.51
C VAL A 96 -7.95 27.55 -20.23
N TYR A 97 -6.83 28.17 -19.84
CA TYR A 97 -6.02 27.71 -18.72
C TYR A 97 -6.16 28.66 -17.55
N TYR A 98 -6.33 28.10 -16.36
CA TYR A 98 -6.43 28.84 -15.11
C TYR A 98 -5.33 28.40 -14.16
N CYS A 99 -4.78 29.36 -13.41
CA CYS A 99 -3.66 29.13 -12.51
C CYS A 99 -4.17 29.33 -11.08
N ALA A 100 -4.50 28.23 -10.42
CA ALA A 100 -5.13 28.27 -9.10
C ALA A 100 -4.11 27.98 -8.00
N ARG A 101 -4.48 28.33 -6.77
CA ARG A 101 -3.61 28.22 -5.61
C ARG A 101 -4.26 27.35 -4.55
N SER A 102 -3.46 26.50 -3.91
CA SER A 102 -3.90 25.64 -2.82
C SER A 102 -2.75 25.45 -1.85
N SER A 103 -2.98 24.62 -0.83
CA SER A 103 -1.96 24.38 0.18
C SER A 103 -0.79 23.59 -0.41
N SER A 104 0.38 23.78 0.19
CA SER A 104 1.59 23.10 -0.27
C SER A 104 1.49 21.60 -0.04
N VAL A 105 2.16 20.84 -0.92
CA VAL A 105 2.09 19.39 -0.85
C VAL A 105 2.78 18.87 0.41
N TYR A 106 3.87 19.52 0.85
CA TYR A 106 4.58 19.06 2.03
C TYR A 106 3.74 19.22 3.30
N TRP A 107 2.75 20.10 3.27
CA TRP A 107 1.77 20.24 4.35
C TRP A 107 0.40 19.72 3.93
N SER A 108 0.36 18.73 3.04
CA SER A 108 -0.90 18.21 2.53
C SER A 108 -1.78 17.75 3.68
N TRP A 109 -1.37 16.70 4.40
CA TRP A 109 -1.84 16.46 5.75
C TRP A 109 -3.36 16.52 5.85
N TRP A 110 -4.03 15.43 5.43
CA TRP A 110 -5.48 15.33 5.26
C TRP A 110 -5.89 15.89 3.90
N GLY A 111 -4.91 16.14 3.03
CA GLY A 111 -5.15 16.39 1.63
C GLY A 111 -5.04 17.88 1.29
N TYR A 112 -5.04 18.13 -0.03
CA TYR A 112 -5.01 19.49 -0.55
C TYR A 112 -6.22 20.29 -0.09
N SER A 113 -5.98 21.58 0.13
CA SER A 113 -7.07 22.51 0.39
C SER A 113 -7.74 22.91 -0.93
N ALA A 114 -9.00 23.32 -0.83
CA ALA A 114 -9.75 23.68 -2.02
C ALA A 114 -9.20 24.94 -2.66
N PHE A 115 -9.32 25.03 -3.98
CA PHE A 115 -8.83 26.18 -4.73
C PHE A 115 -9.70 27.39 -4.42
N ASP A 116 -9.12 28.38 -3.75
CA ASP A 116 -9.87 29.56 -3.33
C ASP A 116 -9.65 30.78 -4.20
N TYR A 117 -8.41 31.03 -4.62
CA TYR A 117 -8.07 32.18 -5.45
C TYR A 117 -7.69 31.66 -6.83
N TRP A 118 -8.61 31.82 -7.79
CA TRP A 118 -8.41 31.33 -9.14
C TRP A 118 -7.83 32.43 -10.03
N GLY A 119 -7.37 32.02 -11.21
CA GLY A 119 -6.90 32.95 -12.22
C GLY A 119 -7.97 33.21 -13.26
N GLN A 120 -7.81 34.32 -13.98
CA GLN A 120 -8.79 34.68 -15.00
C GLN A 120 -8.73 33.74 -16.20
N GLY A 121 -7.57 33.17 -16.48
CA GLY A 121 -7.45 32.19 -17.55
C GLY A 121 -7.08 32.78 -18.89
N THR A 122 -6.19 32.11 -19.61
CA THR A 122 -5.81 32.50 -20.97
C THR A 122 -6.23 31.40 -21.93
N LEU A 123 -6.84 31.80 -23.04
CA LEU A 123 -7.35 30.85 -24.02
C LEU A 123 -6.31 30.63 -25.11
N VAL A 124 -6.00 29.37 -25.38
CA VAL A 124 -5.00 28.98 -26.37
C VAL A 124 -5.64 28.00 -27.35
N THR A 125 -5.37 28.20 -28.63
CA THR A 125 -5.93 27.37 -29.69
C THR A 125 -4.81 26.86 -30.59
N VAL A 126 -5.02 25.65 -31.12
CA VAL A 126 -4.12 25.03 -32.08
C VAL A 126 -4.89 24.87 -33.39
N SER A 127 -4.33 25.41 -34.47
CA SER A 127 -5.00 25.40 -35.75
C SER A 127 -4.00 25.22 -36.88
N SER A 128 -4.44 24.61 -37.97
CA SER A 128 -3.61 24.40 -39.15
C SER A 128 -4.02 25.31 -40.31
N ALA A 129 -4.86 26.31 -40.05
CA ALA A 129 -5.36 27.21 -41.08
C ALA A 129 -4.79 28.61 -40.87
N SER A 130 -4.72 29.36 -41.97
CA SER A 130 -4.19 30.72 -41.97
C SER A 130 -5.31 31.72 -41.71
N THR A 131 -4.89 32.95 -41.37
CA THR A 131 -5.82 34.02 -41.02
C THR A 131 -6.25 34.74 -42.29
N LYS A 132 -7.56 34.79 -42.52
CA LYS A 132 -8.11 35.54 -43.65
C LYS A 132 -9.58 35.83 -43.36
N GLY A 133 -10.11 36.82 -44.07
CA GLY A 133 -11.42 37.35 -43.80
C GLY A 133 -12.56 36.42 -44.18
N PRO A 134 -13.77 36.77 -43.79
CA PRO A 134 -14.93 35.92 -44.07
C PRO A 134 -15.55 36.22 -45.43
N SER A 135 -16.50 35.36 -45.80
CA SER A 135 -17.35 35.57 -46.96
C SER A 135 -18.79 35.58 -46.46
N VAL A 136 -19.52 36.66 -46.77
CA VAL A 136 -20.87 36.86 -46.27
C VAL A 136 -21.85 36.57 -47.40
N PHE A 137 -22.88 35.77 -47.09
CA PHE A 137 -23.87 35.28 -48.02
C PHE A 137 -25.26 35.65 -47.52
N PRO A 138 -26.19 35.96 -48.42
CA PRO A 138 -27.55 36.28 -47.99
C PRO A 138 -28.28 35.04 -47.51
N LEU A 139 -29.36 35.28 -46.75
CA LEU A 139 -30.16 34.20 -46.19
C LEU A 139 -31.61 34.69 -46.15
N ALA A 140 -32.38 34.35 -47.18
CA ALA A 140 -33.71 34.90 -47.40
C ALA A 140 -34.79 33.84 -47.19
N PRO A 141 -35.93 34.23 -46.63
CA PRO A 141 -37.01 33.24 -46.41
C PRO A 141 -37.64 32.81 -47.72
N SER A 142 -38.16 31.58 -47.70
CA SER A 142 -38.88 31.06 -48.87
C SER A 142 -40.24 31.71 -49.00
N SER A 143 -40.75 31.73 -50.23
CA SER A 143 -42.09 32.26 -50.48
C SER A 143 -43.19 31.27 -50.15
N LYS A 144 -42.87 29.99 -49.99
CA LYS A 144 -43.85 28.97 -49.67
C LYS A 144 -43.91 28.63 -48.18
N SER A 145 -43.12 29.32 -47.35
CA SER A 145 -43.06 29.04 -45.92
C SER A 145 -43.45 30.28 -45.14
N THR A 146 -44.55 30.19 -44.40
CA THR A 146 -45.07 31.28 -43.57
C THR A 146 -45.19 32.58 -44.37
N SER A 147 -46.04 32.53 -45.39
CA SER A 147 -46.26 33.67 -46.28
C SER A 147 -47.43 34.50 -45.74
N GLY A 148 -47.15 35.72 -45.30
CA GLY A 148 -48.16 36.63 -44.80
C GLY A 148 -47.99 36.99 -43.34
N GLY A 149 -47.45 36.06 -42.55
CA GLY A 149 -47.27 36.30 -41.12
C GLY A 149 -45.81 36.39 -40.70
N THR A 150 -45.31 35.33 -40.07
CA THR A 150 -43.95 35.31 -39.58
C THR A 150 -42.96 35.22 -40.73
N ALA A 151 -41.80 35.86 -40.55
CA ALA A 151 -40.75 35.83 -41.54
C ALA A 151 -39.42 36.14 -40.85
N ALA A 152 -38.33 35.62 -41.42
CA ALA A 152 -37.00 35.85 -40.88
C ALA A 152 -36.00 35.90 -42.02
N LEU A 153 -34.94 36.69 -41.82
CA LEU A 153 -33.88 36.82 -42.80
C LEU A 153 -32.57 37.09 -42.08
N GLY A 154 -31.47 36.86 -42.78
CA GLY A 154 -30.18 37.07 -42.15
C GLY A 154 -29.03 36.89 -43.11
N CYS A 155 -27.84 36.76 -42.53
CA CYS A 155 -26.61 36.63 -43.29
C CYS A 155 -25.74 35.53 -42.69
N LEU A 156 -25.09 34.77 -43.56
CA LEU A 156 -24.22 33.66 -43.15
C LEU A 156 -22.79 34.02 -43.52
N VAL A 157 -21.91 34.04 -42.52
CA VAL A 157 -20.48 34.26 -42.74
C VAL A 157 -19.80 32.90 -42.73
N LYS A 158 -18.93 32.67 -43.70
CA LYS A 158 -18.26 31.38 -43.83
C LYS A 158 -16.80 31.61 -44.17
N ASP A 159 -15.95 30.66 -43.78
CA ASP A 159 -14.55 30.65 -44.16
C ASP A 159 -13.82 31.88 -43.60
N TYR A 160 -13.81 31.98 -42.28
CA TYR A 160 -13.10 33.04 -41.58
C TYR A 160 -12.28 32.43 -40.44
N PHE A 161 -11.21 33.15 -40.07
CA PHE A 161 -10.27 32.68 -39.07
C PHE A 161 -9.51 33.88 -38.55
N PRO A 162 -9.35 34.03 -37.22
CA PRO A 162 -9.86 33.14 -36.17
C PRO A 162 -11.32 33.34 -35.82
N GLU A 163 -11.70 32.88 -34.63
CA GLU A 163 -13.09 32.90 -34.20
C GLU A 163 -13.71 34.30 -34.16
N PRO A 164 -13.09 35.34 -33.56
CA PRO A 164 -13.86 36.55 -33.25
C PRO A 164 -14.32 37.34 -34.47
N VAL A 165 -15.62 37.24 -34.74
CA VAL A 165 -16.31 38.06 -35.74
C VAL A 165 -17.66 38.44 -35.16
N THR A 166 -18.01 39.72 -35.25
CA THR A 166 -19.28 40.21 -34.73
C THR A 166 -20.16 40.70 -35.88
N VAL A 167 -21.46 40.58 -35.68
CA VAL A 167 -22.45 40.95 -36.68
C VAL A 167 -23.22 42.17 -36.18
N SER A 168 -23.19 43.25 -36.96
CA SER A 168 -23.92 44.46 -36.66
C SER A 168 -25.14 44.53 -37.56
N TRP A 169 -26.30 44.79 -36.96
CA TRP A 169 -27.58 44.77 -37.65
C TRP A 169 -28.05 46.20 -37.86
N ASN A 170 -28.26 46.58 -39.13
CA ASN A 170 -28.80 47.86 -39.59
C ASN A 170 -28.42 49.03 -38.69
N SER A 171 -27.13 49.12 -38.34
CA SER A 171 -26.62 50.17 -37.45
C SER A 171 -27.33 50.17 -36.11
N GLY A 172 -27.69 48.99 -35.62
CA GLY A 172 -28.34 48.87 -34.33
C GLY A 172 -29.77 49.33 -34.28
N ALA A 173 -30.45 49.46 -35.43
CA ALA A 173 -31.81 49.97 -35.43
C ALA A 173 -32.82 48.94 -34.94
N LEU A 174 -32.50 47.65 -35.01
CA LEU A 174 -33.42 46.59 -34.62
C LEU A 174 -32.76 45.65 -33.63
N THR A 175 -33.46 45.36 -32.54
CA THR A 175 -32.98 44.41 -31.54
C THR A 175 -34.00 43.34 -31.20
N SER A 176 -35.20 43.38 -31.78
CA SER A 176 -36.23 42.39 -31.52
C SER A 176 -36.01 41.16 -32.37
N GLY A 177 -36.13 39.99 -31.76
CA GLY A 177 -35.97 38.73 -32.48
C GLY A 177 -34.58 38.50 -33.03
N VAL A 178 -33.55 38.85 -32.28
CA VAL A 178 -32.17 38.63 -32.70
C VAL A 178 -31.66 37.36 -32.05
N HIS A 179 -31.01 36.50 -32.85
CA HIS A 179 -30.50 35.22 -32.37
C HIS A 179 -29.14 34.99 -33.02
N THR A 180 -28.10 34.89 -32.19
CA THR A 180 -26.74 34.65 -32.67
C THR A 180 -26.20 33.40 -31.99
N PHE A 181 -25.75 32.45 -32.79
CA PHE A 181 -25.26 31.17 -32.33
C PHE A 181 -23.77 31.25 -31.99
N PRO A 182 -23.28 30.33 -31.17
CA PRO A 182 -21.82 30.24 -30.98
C PRO A 182 -21.14 29.79 -32.27
N ALA A 183 -19.90 30.25 -32.45
CA ALA A 183 -19.16 29.92 -33.66
C ALA A 183 -18.92 28.43 -33.77
N VAL A 184 -19.15 27.88 -34.96
CA VAL A 184 -19.04 26.45 -35.22
C VAL A 184 -17.87 26.21 -36.14
N LEU A 185 -17.02 25.23 -35.80
CA LEU A 185 -15.83 24.90 -36.57
C LEU A 185 -16.02 23.54 -37.25
N GLN A 186 -15.92 23.51 -38.57
CA GLN A 186 -15.83 22.23 -39.26
C GLN A 186 -14.43 21.66 -39.12
N SER A 187 -14.29 20.38 -39.50
CA SER A 187 -13.06 19.63 -39.25
C SER A 187 -11.85 20.25 -39.93
N SER A 188 -12.05 21.06 -40.97
CA SER A 188 -10.91 21.62 -41.69
C SER A 188 -10.13 22.65 -40.87
N GLY A 189 -10.67 23.12 -39.74
CA GLY A 189 -10.00 24.13 -38.97
C GLY A 189 -10.37 25.55 -39.34
N LEU A 190 -11.56 25.76 -39.91
CA LEU A 190 -12.00 27.08 -40.36
C LEU A 190 -13.42 27.31 -39.86
N TYR A 191 -13.79 28.58 -39.69
CA TYR A 191 -15.00 28.93 -38.95
C TYR A 191 -16.15 29.34 -39.85
N SER A 192 -17.37 29.05 -39.38
CA SER A 192 -18.60 29.47 -40.03
C SER A 192 -19.59 29.91 -38.96
N LEU A 193 -20.52 30.78 -39.35
CA LEU A 193 -21.50 31.34 -38.42
C LEU A 193 -22.67 31.90 -39.21
N SER A 194 -23.81 32.05 -38.54
CA SER A 194 -25.00 32.61 -39.14
C SER A 194 -25.63 33.62 -38.19
N SER A 195 -26.35 34.60 -38.75
CA SER A 195 -27.08 35.58 -37.95
C SER A 195 -28.44 35.80 -38.61
N VAL A 196 -29.50 35.44 -37.90
CA VAL A 196 -30.87 35.50 -38.43
C VAL A 196 -31.74 36.30 -37.48
N VAL A 197 -32.56 37.18 -38.05
CA VAL A 197 -33.50 38.00 -37.29
C VAL A 197 -34.89 37.76 -37.87
N THR A 198 -35.88 37.64 -36.98
CA THR A 198 -37.28 37.42 -37.37
C THR A 198 -37.91 38.77 -37.68
N VAL A 199 -37.94 39.12 -38.96
CA VAL A 199 -38.52 40.37 -39.44
C VAL A 199 -40.03 40.32 -39.24
N PRO A 200 -40.69 41.43 -38.91
CA PRO A 200 -42.15 41.40 -38.75
C PRO A 200 -42.88 41.27 -40.08
N SER A 201 -44.21 41.35 -40.04
CA SER A 201 -45.07 41.10 -41.19
C SER A 201 -45.06 42.30 -42.12
N SER A 202 -46.03 42.33 -43.04
CA SER A 202 -46.18 43.40 -44.04
C SER A 202 -45.01 43.39 -45.03
N SER A 203 -44.80 42.24 -45.67
CA SER A 203 -43.78 42.07 -46.71
C SER A 203 -42.39 42.38 -46.20
N LEU A 204 -42.07 41.83 -45.03
CA LEU A 204 -40.74 41.92 -44.43
C LEU A 204 -40.32 43.37 -44.20
N GLY A 205 -41.29 44.26 -43.99
CA GLY A 205 -41.01 45.65 -43.76
C GLY A 205 -40.55 46.41 -44.99
N THR A 206 -40.71 45.83 -46.18
CA THR A 206 -40.30 46.41 -47.46
C THR A 206 -39.00 47.22 -47.36
N GLN A 207 -38.02 46.61 -46.69
CA GLN A 207 -36.73 47.24 -46.46
C GLN A 207 -35.61 46.25 -46.81
N THR A 208 -34.63 46.73 -47.56
CA THR A 208 -33.45 45.92 -47.89
C THR A 208 -32.52 45.93 -46.70
N TYR A 209 -32.60 44.90 -45.87
CA TYR A 209 -31.81 44.85 -44.66
C TYR A 209 -30.32 44.66 -44.97
N ILE A 210 -29.48 45.07 -44.03
CA ILE A 210 -28.04 45.08 -44.22
C ILE A 210 -27.38 44.32 -43.07
N CYS A 211 -26.20 43.80 -43.35
CA CYS A 211 -25.38 43.12 -42.36
C CYS A 211 -23.98 43.72 -42.38
N ASN A 212 -23.41 43.94 -41.21
CA ASN A 212 -22.02 44.36 -41.09
C ASN A 212 -21.22 43.28 -40.38
N VAL A 213 -20.13 42.86 -40.99
CA VAL A 213 -19.23 41.89 -40.37
C VAL A 213 -18.08 42.65 -39.74
N ASN A 214 -17.53 42.10 -38.65
CA ASN A 214 -16.38 42.70 -37.99
C ASN A 214 -15.41 41.59 -37.61
N HIS A 215 -14.22 41.62 -38.21
CA HIS A 215 -13.16 40.65 -37.94
C HIS A 215 -11.88 41.44 -37.71
N LYS A 216 -11.56 41.68 -36.45
CA LYS A 216 -10.42 42.54 -36.10
C LYS A 216 -9.09 42.11 -36.73
N PRO A 217 -8.72 40.83 -36.75
CA PRO A 217 -7.41 40.48 -37.36
C PRO A 217 -7.29 40.90 -38.82
N SER A 218 -8.38 40.96 -39.57
CA SER A 218 -8.35 41.41 -40.95
C SER A 218 -9.07 42.73 -41.18
N ASN A 219 -9.77 43.26 -40.17
CA ASN A 219 -10.49 44.53 -40.27
C ASN A 219 -11.47 44.52 -41.45
N THR A 220 -12.18 43.41 -41.62
CA THR A 220 -13.17 43.28 -42.68
C THR A 220 -14.52 43.79 -42.16
N LYS A 221 -14.96 44.92 -42.69
CA LYS A 221 -16.22 45.55 -42.29
C LYS A 221 -17.10 45.80 -43.51
N VAL A 222 -17.22 44.79 -44.36
CA VAL A 222 -18.05 44.91 -45.56
C VAL A 222 -19.52 44.92 -45.18
N ASP A 223 -20.33 45.52 -46.04
CA ASP A 223 -21.78 45.60 -45.86
C ASP A 223 -22.45 44.67 -46.85
N LYS A 224 -23.35 43.82 -46.35
CA LYS A 224 -24.02 42.81 -47.17
C LYS A 224 -25.51 43.10 -47.25
N LYS A 225 -26.05 42.97 -48.46
CA LYS A 225 -27.47 43.19 -48.71
C LYS A 225 -28.27 41.92 -48.39
N VAL A 226 -29.55 42.11 -48.08
CA VAL A 226 -30.50 41.01 -48.00
C VAL A 226 -31.75 41.40 -48.78
N GLU A 227 -32.21 40.50 -49.63
CA GLU A 227 -33.42 40.72 -50.42
C GLU A 227 -34.32 39.50 -50.34
N PRO A 228 -35.65 39.70 -50.39
CA PRO A 228 -36.55 38.56 -50.35
C PRO A 228 -36.51 37.76 -51.64
N LYS A 229 -36.88 36.48 -51.53
CA LYS A 229 -36.90 35.59 -52.68
C LYS A 229 -38.08 35.90 -53.60
N GLN B 3 -45.48 -3.40 -29.65
CA GLN B 3 -45.48 -4.38 -28.57
C GLN B 3 -45.81 -3.73 -27.23
N VAL B 4 -46.34 -2.52 -27.28
CA VAL B 4 -46.69 -1.78 -26.08
C VAL B 4 -48.15 -1.32 -26.20
N GLN B 5 -48.77 -1.11 -25.04
CA GLN B 5 -50.15 -0.64 -24.99
C GLN B 5 -50.41 0.00 -23.64
N LEU B 6 -51.43 0.83 -23.60
CA LEU B 6 -51.81 1.54 -22.38
C LEU B 6 -53.30 1.82 -22.40
N GLN B 7 -53.85 2.06 -21.20
CA GLN B 7 -55.28 2.31 -21.05
C GLN B 7 -55.48 3.46 -20.06
N GLU B 8 -56.71 3.95 -20.03
CA GLU B 8 -57.11 5.03 -19.13
C GLU B 8 -58.43 4.66 -18.46
N SER B 9 -58.87 5.51 -17.55
CA SER B 9 -60.11 5.29 -16.82
C SER B 9 -60.88 6.61 -16.76
N GLY B 10 -61.99 6.61 -16.03
CA GLY B 10 -62.79 7.81 -15.88
C GLY B 10 -63.68 8.08 -17.09
N GLY B 11 -64.37 9.21 -17.03
CA GLY B 11 -65.27 9.63 -18.08
C GLY B 11 -66.49 10.30 -17.49
N GLY B 12 -67.56 10.34 -18.28
CA GLY B 12 -68.80 10.94 -17.85
C GLY B 12 -68.87 12.43 -18.12
N LEU B 13 -70.06 12.99 -17.91
CA LEU B 13 -70.31 14.40 -18.12
C LEU B 13 -69.86 15.18 -16.88
N VAL B 14 -68.84 16.03 -17.05
CA VAL B 14 -68.30 16.81 -15.95
C VAL B 14 -69.15 18.05 -15.73
N GLN B 15 -68.96 18.72 -14.59
CA GLN B 15 -69.64 19.95 -14.25
C GLN B 15 -68.66 21.11 -14.24
N PRO B 16 -69.04 22.27 -14.81
CA PRO B 16 -68.12 23.41 -14.84
C PRO B 16 -67.70 23.84 -13.44
N GLY B 17 -66.42 24.18 -13.29
CA GLY B 17 -65.88 24.58 -12.02
C GLY B 17 -65.54 23.46 -11.08
N GLY B 18 -65.70 22.20 -11.51
CA GLY B 18 -65.43 21.06 -10.67
C GLY B 18 -63.98 20.59 -10.75
N SER B 19 -63.74 19.41 -10.19
CA SER B 19 -62.43 18.79 -10.17
C SER B 19 -62.53 17.35 -10.64
N LEU B 20 -61.46 16.85 -11.23
CA LEU B 20 -61.44 15.50 -11.75
C LEU B 20 -60.03 14.93 -11.59
N ARG B 21 -59.96 13.60 -11.51
CA ARG B 21 -58.71 12.87 -11.33
C ARG B 21 -58.63 11.76 -12.38
N LEU B 22 -58.04 12.07 -13.51
CA LEU B 22 -57.85 11.08 -14.57
C LEU B 22 -56.68 10.17 -14.23
N SER B 23 -56.70 8.96 -14.81
CA SER B 23 -55.65 7.98 -14.56
C SER B 23 -55.28 7.29 -15.87
N CYS B 24 -53.98 7.07 -16.05
CA CYS B 24 -53.49 6.32 -17.21
C CYS B 24 -52.43 5.32 -16.75
N ALA B 25 -52.42 4.14 -17.38
CA ALA B 25 -51.48 3.09 -17.00
C ALA B 25 -51.14 2.24 -18.21
N ALA B 26 -49.85 1.96 -18.37
CA ALA B 26 -49.38 1.09 -19.44
C ALA B 26 -49.41 -0.36 -18.98
N SER B 27 -49.38 -1.28 -19.95
CA SER B 27 -49.44 -2.70 -19.67
C SER B 27 -48.33 -3.44 -20.41
N GLY B 28 -47.62 -4.30 -19.70
CA GLY B 28 -46.60 -5.15 -20.28
C GLY B 28 -45.22 -4.54 -20.40
N ARG B 29 -45.07 -3.25 -20.12
CA ARG B 29 -43.76 -2.60 -20.22
C ARG B 29 -43.62 -1.61 -19.08
N THR B 30 -42.39 -1.38 -18.66
CA THR B 30 -42.10 -0.41 -17.62
C THR B 30 -42.03 0.99 -18.21
N ILE B 31 -42.14 1.99 -17.33
CA ILE B 31 -42.11 3.39 -17.72
C ILE B 31 -40.98 4.17 -17.04
N SER B 32 -40.18 3.52 -16.20
CA SER B 32 -39.09 4.21 -15.52
C SER B 32 -38.05 4.71 -16.51
N ARG B 33 -37.69 3.88 -17.50
CA ARG B 33 -36.66 4.27 -18.46
C ARG B 33 -37.20 5.33 -19.44
N TYR B 34 -38.46 5.21 -19.82
CA TYR B 34 -39.06 6.10 -20.80
C TYR B 34 -39.61 7.35 -20.12
N ALA B 35 -40.02 8.32 -20.93
CA ALA B 35 -40.69 9.52 -20.46
C ALA B 35 -42.19 9.37 -20.63
N MET B 36 -42.94 10.41 -20.27
CA MET B 36 -44.39 10.36 -20.46
C MET B 36 -44.91 11.75 -20.76
N SER B 37 -46.02 11.82 -21.47
CA SER B 37 -46.63 13.08 -21.82
C SER B 37 -48.14 12.98 -21.72
N TRP B 38 -48.79 14.13 -21.54
CA TRP B 38 -50.23 14.26 -21.57
C TRP B 38 -50.57 15.21 -22.71
N PHE B 39 -51.49 14.78 -23.58
CA PHE B 39 -51.85 15.49 -24.80
C PHE B 39 -53.35 15.75 -24.83
N ARG B 40 -53.73 16.77 -25.60
CA ARG B 40 -55.13 17.13 -25.78
C ARG B 40 -55.51 17.05 -27.26
N GLN B 41 -56.75 16.63 -27.51
CA GLN B 41 -57.32 16.61 -28.86
C GLN B 41 -58.69 17.27 -28.80
N ALA B 42 -58.85 18.40 -29.48
CA ALA B 42 -60.10 19.13 -29.44
C ALA B 42 -60.54 19.49 -30.85
N PRO B 43 -61.85 19.60 -31.08
CA PRO B 43 -62.33 20.04 -32.40
C PRO B 43 -61.86 21.46 -32.70
N GLY B 44 -61.55 21.70 -33.98
CA GLY B 44 -61.05 22.98 -34.43
C GLY B 44 -59.54 23.13 -34.28
N LYS B 45 -59.01 22.70 -33.13
CA LYS B 45 -57.56 22.77 -32.87
C LYS B 45 -57.20 21.55 -32.03
N GLU B 46 -56.76 20.49 -32.70
CA GLU B 46 -56.34 19.27 -32.05
C GLU B 46 -54.82 19.16 -32.09
N ARG B 47 -54.29 18.03 -31.61
CA ARG B 47 -52.85 17.76 -31.60
C ARG B 47 -52.09 18.85 -30.83
N GLU B 48 -52.49 19.05 -29.58
CA GLU B 48 -51.91 20.07 -28.73
C GLU B 48 -51.20 19.44 -27.54
N PHE B 49 -49.99 19.91 -27.26
CA PHE B 49 -49.23 19.45 -26.11
C PHE B 49 -49.79 20.05 -24.83
N VAL B 50 -49.79 19.25 -23.76
CA VAL B 50 -50.28 19.70 -22.47
C VAL B 50 -49.20 19.60 -21.41
N ALA B 51 -48.66 18.40 -21.20
CA ALA B 51 -47.70 18.21 -20.12
C ALA B 51 -46.71 17.12 -20.49
N VAL B 52 -45.58 17.10 -19.78
CA VAL B 52 -44.53 16.11 -20.01
C VAL B 52 -43.72 15.95 -18.73
N ALA B 53 -43.26 14.72 -18.49
CA ALA B 53 -42.40 14.38 -17.36
C ALA B 53 -41.33 13.41 -17.84
N ARG B 54 -40.08 13.61 -17.37
CA ARG B 54 -38.96 12.86 -17.94
C ARG B 54 -38.83 11.47 -17.33
N ARG B 55 -38.43 11.38 -16.06
CA ARG B 55 -38.28 10.04 -15.51
C ARG B 55 -38.90 9.83 -14.14
N SER B 56 -38.73 10.79 -13.23
CA SER B 56 -39.17 10.59 -11.85
C SER B 56 -39.81 11.79 -11.20
N GLY B 57 -39.66 13.00 -11.73
CA GLY B 57 -40.20 14.18 -11.08
C GLY B 57 -39.16 15.22 -10.72
N ASP B 58 -38.06 15.25 -11.47
CA ASP B 58 -37.06 16.30 -11.33
C ASP B 58 -37.48 17.58 -12.01
N GLY B 59 -38.76 17.70 -12.35
CA GLY B 59 -39.30 18.84 -13.06
C GLY B 59 -40.28 18.38 -14.12
N ALA B 60 -41.51 18.87 -14.07
CA ALA B 60 -42.56 18.49 -15.01
C ALA B 60 -43.02 19.73 -15.75
N PHE B 61 -43.02 19.66 -17.08
CA PHE B 61 -43.32 20.82 -17.89
C PHE B 61 -44.78 20.77 -18.34
N TYR B 62 -45.39 21.95 -18.43
CA TYR B 62 -46.80 22.07 -18.77
C TYR B 62 -46.98 23.16 -19.81
N ALA B 63 -48.09 23.07 -20.55
CA ALA B 63 -48.44 24.09 -21.51
C ALA B 63 -48.78 25.40 -20.80
N ASP B 64 -48.61 26.51 -21.53
CA ASP B 64 -48.82 27.83 -20.93
C ASP B 64 -50.26 28.02 -20.46
N SER B 65 -51.21 27.30 -21.06
CA SER B 65 -52.62 27.44 -20.69
C SER B 65 -53.04 26.49 -19.58
N VAL B 66 -52.14 25.61 -19.11
CA VAL B 66 -52.47 24.67 -18.05
C VAL B 66 -51.44 24.77 -16.94
N GLN B 67 -50.85 25.95 -16.77
CA GLN B 67 -49.80 26.15 -15.79
C GLN B 67 -50.40 26.33 -14.40
N GLY B 68 -50.26 25.30 -13.56
CA GLY B 68 -50.70 25.35 -12.18
C GLY B 68 -52.07 24.73 -11.94
N ARG B 69 -52.92 24.65 -12.96
CA ARG B 69 -54.24 24.04 -12.80
C ARG B 69 -54.17 22.53 -12.78
N PHE B 70 -53.21 21.93 -13.49
CA PHE B 70 -53.07 20.48 -13.56
C PHE B 70 -51.94 20.04 -12.65
N THR B 71 -52.16 18.93 -11.93
CA THR B 71 -51.13 18.35 -11.08
C THR B 71 -50.98 16.87 -11.43
N VAL B 72 -49.75 16.43 -11.63
CA VAL B 72 -49.46 15.08 -12.11
C VAL B 72 -48.68 14.34 -11.03
N SER B 73 -49.14 13.13 -10.71
CA SER B 73 -48.46 12.24 -9.79
C SER B 73 -48.25 10.89 -10.45
N ARG B 74 -47.17 10.22 -10.08
CA ARG B 74 -46.77 8.97 -10.71
C ARG B 74 -46.57 7.89 -9.66
N ASP B 75 -46.75 6.64 -10.09
CA ASP B 75 -46.47 5.46 -9.25
C ASP B 75 -45.88 4.40 -10.16
N ASP B 76 -44.55 4.24 -10.09
CA ASP B 76 -43.87 3.27 -10.93
C ASP B 76 -44.10 1.84 -10.43
N ALA B 77 -44.33 1.66 -9.14
CA ALA B 77 -44.61 0.33 -8.61
C ALA B 77 -45.89 -0.24 -9.20
N LYS B 78 -46.94 0.58 -9.28
CA LYS B 78 -48.19 0.19 -9.92
C LYS B 78 -48.26 0.66 -11.37
N ASN B 79 -47.27 1.41 -11.84
CA ASN B 79 -47.23 1.93 -13.21
C ASN B 79 -48.50 2.72 -13.54
N THR B 80 -48.98 3.52 -12.59
CA THR B 80 -50.20 4.29 -12.73
C THR B 80 -49.90 5.76 -12.53
N VAL B 81 -50.46 6.61 -13.40
CA VAL B 81 -50.22 8.05 -13.36
C VAL B 81 -51.56 8.76 -13.22
N TYR B 82 -51.65 9.64 -12.23
CA TYR B 82 -52.86 10.40 -11.94
C TYR B 82 -52.66 11.86 -12.32
N LEU B 83 -53.69 12.45 -12.91
CA LEU B 83 -53.71 13.86 -13.27
C LEU B 83 -54.96 14.48 -12.66
N GLN B 84 -54.75 15.38 -11.69
CA GLN B 84 -55.86 16.03 -11.01
C GLN B 84 -55.98 17.47 -11.48
N MET B 85 -57.20 17.89 -11.78
CA MET B 85 -57.48 19.23 -12.26
C MET B 85 -58.66 19.81 -11.48
N ASN B 86 -58.59 21.12 -11.23
CA ASN B 86 -59.62 21.85 -10.52
C ASN B 86 -59.93 23.14 -11.27
N SER B 87 -61.05 23.77 -10.90
CA SER B 87 -61.54 24.98 -11.57
C SER B 87 -61.72 24.74 -13.06
N LEU B 88 -62.57 23.77 -13.37
CA LEU B 88 -62.80 23.36 -14.76
C LEU B 88 -63.48 24.47 -15.54
N LYS B 89 -62.81 24.98 -16.57
CA LYS B 89 -63.39 25.99 -17.43
C LYS B 89 -64.27 25.33 -18.49
N PRO B 90 -65.26 26.07 -19.02
CA PRO B 90 -66.11 25.49 -20.07
C PRO B 90 -65.37 25.16 -21.35
N GLU B 91 -64.19 25.74 -21.57
CA GLU B 91 -63.41 25.52 -22.78
C GLU B 91 -62.53 24.27 -22.68
N ASP B 92 -62.86 23.34 -21.78
CA ASP B 92 -62.07 22.13 -21.57
C ASP B 92 -62.74 20.90 -22.18
N THR B 93 -63.43 21.08 -23.31
CA THR B 93 -64.08 19.97 -24.01
C THR B 93 -63.06 19.35 -24.97
N ALA B 94 -62.43 18.27 -24.55
CA ALA B 94 -61.38 17.66 -25.35
C ALA B 94 -61.15 16.22 -24.89
N VAL B 95 -60.34 15.50 -25.65
CA VAL B 95 -59.95 14.13 -25.33
C VAL B 95 -58.52 14.15 -24.83
N TYR B 96 -58.30 13.57 -23.66
CA TYR B 96 -56.97 13.49 -23.06
C TYR B 96 -56.28 12.19 -23.49
N TYR B 97 -54.99 12.30 -23.81
CA TYR B 97 -54.17 11.19 -24.25
C TYR B 97 -52.97 11.06 -23.32
N CYS B 98 -52.73 9.84 -22.83
CA CYS B 98 -51.53 9.51 -22.07
C CYS B 98 -50.54 8.88 -23.05
N ALA B 99 -49.50 9.63 -23.41
CA ALA B 99 -48.58 9.25 -24.47
C ALA B 99 -47.26 8.76 -23.88
N ILE B 100 -46.77 7.65 -24.42
CA ILE B 100 -45.49 7.06 -24.02
C ILE B 100 -44.54 7.13 -25.21
N ASP B 101 -43.29 7.47 -24.95
CA ASP B 101 -42.25 7.55 -25.97
C ASP B 101 -41.22 6.46 -25.74
N SER B 102 -40.82 5.79 -26.81
CA SER B 102 -39.93 4.64 -26.73
C SER B 102 -38.46 5.00 -26.89
N ASP B 103 -38.13 6.29 -26.99
CA ASP B 103 -36.75 6.72 -27.18
C ASP B 103 -36.20 7.24 -25.85
N THR B 104 -34.99 6.79 -25.51
CA THR B 104 -34.33 7.25 -24.30
C THR B 104 -33.65 8.60 -24.48
N PHE B 105 -33.61 9.13 -25.70
CA PHE B 105 -33.01 10.44 -25.96
C PHE B 105 -33.90 11.59 -25.52
N TYR B 106 -35.13 11.30 -25.08
CA TYR B 106 -36.10 12.33 -24.70
C TYR B 106 -36.39 13.26 -25.87
N SER B 107 -36.51 12.67 -27.06
CA SER B 107 -36.83 13.43 -28.27
C SER B 107 -38.34 13.55 -28.51
N GLY B 108 -39.16 12.89 -27.71
CA GLY B 108 -40.60 12.96 -27.87
C GLY B 108 -41.12 12.35 -29.16
N SER B 109 -40.59 11.19 -29.54
CA SER B 109 -41.04 10.50 -30.75
C SER B 109 -42.19 9.55 -30.39
N TYR B 110 -43.31 10.16 -30.02
CA TYR B 110 -44.48 9.39 -29.64
C TYR B 110 -45.07 8.67 -30.85
N ASP B 111 -45.44 7.40 -30.66
CA ASP B 111 -45.98 6.59 -31.74
C ASP B 111 -47.33 6.00 -31.36
N TYR B 112 -47.56 5.81 -30.07
CA TYR B 112 -48.80 5.23 -29.56
C TYR B 112 -49.67 6.33 -28.98
N TRP B 113 -50.93 6.36 -29.40
CA TRP B 113 -51.89 7.36 -28.94
C TRP B 113 -53.02 6.78 -28.09
N GLY B 114 -53.49 5.58 -28.42
CA GLY B 114 -54.57 4.99 -27.67
C GLY B 114 -55.90 5.64 -27.98
N GLN B 115 -56.85 5.45 -27.05
CA GLN B 115 -58.18 6.01 -27.19
C GLN B 115 -58.40 7.27 -26.36
N GLY B 116 -57.70 7.40 -25.23
CA GLY B 116 -57.84 8.58 -24.40
C GLY B 116 -59.16 8.59 -23.64
N THR B 117 -59.42 9.70 -22.98
CA THR B 117 -60.65 9.90 -22.23
C THR B 117 -61.29 11.22 -22.63
N GLN B 118 -62.57 11.17 -22.96
CA GLN B 118 -63.29 12.37 -23.39
C GLN B 118 -63.81 13.15 -22.19
N VAL B 119 -63.70 14.47 -22.27
CA VAL B 119 -64.20 15.38 -21.24
C VAL B 119 -65.01 16.45 -21.96
N THR B 120 -66.34 16.41 -21.79
CA THR B 120 -67.25 17.34 -22.43
C THR B 120 -67.93 18.19 -21.36
N VAL B 121 -67.99 19.50 -21.58
CA VAL B 121 -68.57 20.43 -20.64
C VAL B 121 -69.90 20.91 -21.20
N SER B 122 -70.96 20.73 -20.44
CA SER B 122 -72.31 21.13 -20.83
C SER B 122 -72.73 20.51 -22.16
N ASP C 2 -7.29 8.39 -11.59
CA ASP C 2 -7.77 7.02 -11.48
C ASP C 2 -9.00 6.93 -10.59
N ILE C 3 -9.44 8.09 -10.11
CA ILE C 3 -10.65 8.21 -9.29
C ILE C 3 -11.72 8.93 -10.10
N GLN C 4 -12.95 8.45 -10.01
CA GLN C 4 -14.06 8.94 -10.82
C GLN C 4 -15.02 9.75 -9.95
N MET C 5 -15.27 10.99 -10.35
CA MET C 5 -16.22 11.88 -9.69
C MET C 5 -17.46 11.94 -10.58
N THR C 6 -18.50 11.20 -10.21
CA THR C 6 -19.68 11.05 -11.05
C THR C 6 -20.85 11.85 -10.47
N GLN C 7 -21.48 12.66 -11.31
CA GLN C 7 -22.67 13.41 -10.96
C GLN C 7 -23.84 12.88 -11.78
N SER C 8 -24.90 12.45 -11.09
CA SER C 8 -26.07 11.91 -11.79
C SER C 8 -26.96 13.01 -12.37
N PRO C 9 -27.28 14.11 -11.65
CA PRO C 9 -28.15 15.11 -12.29
C PRO C 9 -27.37 16.05 -13.21
N SER C 10 -27.14 15.58 -14.44
CA SER C 10 -26.40 16.38 -15.40
C SER C 10 -27.13 17.67 -15.75
N SER C 11 -28.44 17.60 -15.92
CA SER C 11 -29.27 18.76 -16.20
C SER C 11 -30.37 18.87 -15.17
N LEU C 12 -30.48 20.03 -14.53
CA LEU C 12 -31.49 20.27 -13.51
C LEU C 12 -32.23 21.56 -13.86
N SER C 13 -33.56 21.47 -13.93
CA SER C 13 -34.42 22.61 -14.18
C SER C 13 -35.33 22.83 -12.98
N ALA C 14 -35.29 24.05 -12.43
CA ALA C 14 -36.11 24.38 -11.27
C ALA C 14 -36.46 25.85 -11.31
N SER C 15 -37.53 26.20 -10.60
CA SER C 15 -38.00 27.57 -10.56
C SER C 15 -37.21 28.39 -9.54
N VAL C 16 -37.45 29.70 -9.56
CA VAL C 16 -36.80 30.60 -8.62
C VAL C 16 -37.44 30.45 -7.24
N GLY C 17 -36.60 30.28 -6.21
CA GLY C 17 -37.06 30.06 -4.87
C GLY C 17 -37.22 28.60 -4.48
N ASP C 18 -37.08 27.68 -5.43
CA ASP C 18 -37.21 26.25 -5.13
C ASP C 18 -35.93 25.72 -4.51
N ARG C 19 -36.09 24.75 -3.61
CA ARG C 19 -34.96 24.05 -3.05
C ARG C 19 -34.36 23.11 -4.07
N VAL C 20 -33.03 23.16 -4.24
CA VAL C 20 -32.33 22.35 -5.22
C VAL C 20 -31.20 21.60 -4.53
N THR C 21 -30.98 20.36 -4.97
CA THR C 21 -29.93 19.50 -4.41
C THR C 21 -29.17 18.84 -5.55
N ILE C 22 -27.84 18.89 -5.49
CA ILE C 22 -26.97 18.23 -6.46
C ILE C 22 -26.09 17.24 -5.72
N THR C 23 -26.08 16.00 -6.17
CA THR C 23 -25.34 14.94 -5.51
C THR C 23 -23.97 14.72 -6.18
N CYS C 24 -23.13 13.96 -5.49
CA CYS C 24 -21.77 13.69 -5.95
C CYS C 24 -21.32 12.36 -5.36
N ARG C 25 -20.96 11.42 -6.22
CA ARG C 25 -20.55 10.08 -5.79
C ARG C 25 -19.09 9.85 -6.17
N ALA C 26 -18.32 9.34 -5.22
CA ALA C 26 -16.90 9.06 -5.41
C ALA C 26 -16.65 7.55 -5.38
N SER C 27 -15.85 7.08 -6.33
CA SER C 27 -15.56 5.65 -6.41
C SER C 27 -14.74 5.17 -5.21
N GLN C 28 -13.76 5.96 -4.79
CA GLN C 28 -12.95 5.61 -3.63
C GLN C 28 -13.55 6.25 -2.38
N SER C 29 -12.77 6.27 -1.29
CA SER C 29 -13.30 6.67 0.01
C SER C 29 -12.68 7.96 0.52
N VAL C 30 -12.61 8.97 -0.35
CA VAL C 30 -12.15 10.30 0.05
C VAL C 30 -12.97 10.78 1.26
N SER C 31 -12.29 11.12 2.35
CA SER C 31 -12.98 11.33 3.62
C SER C 31 -13.73 12.66 3.64
N SER C 32 -13.00 13.78 3.60
CA SER C 32 -13.59 15.11 3.56
C SER C 32 -12.79 16.01 2.64
N ALA C 33 -12.28 15.46 1.55
CA ALA C 33 -11.45 16.21 0.60
C ALA C 33 -12.23 16.64 -0.63
N VAL C 34 -13.52 16.93 -0.47
CA VAL C 34 -14.41 17.29 -1.58
C VAL C 34 -14.80 18.75 -1.45
N ALA C 35 -14.85 19.43 -2.58
CA ALA C 35 -15.16 20.85 -2.64
C ALA C 35 -16.14 21.11 -3.77
N TRP C 36 -16.88 22.21 -3.64
CA TRP C 36 -17.89 22.61 -4.60
C TRP C 36 -17.48 23.95 -5.23
N TYR C 37 -17.66 24.06 -6.54
CA TYR C 37 -17.28 25.25 -7.28
C TYR C 37 -18.44 25.73 -8.14
N GLN C 38 -18.57 27.04 -8.27
CA GLN C 38 -19.56 27.67 -9.13
C GLN C 38 -18.85 28.50 -10.19
N GLN C 39 -19.19 28.28 -11.45
CA GLN C 39 -18.59 28.98 -12.57
C GLN C 39 -19.68 29.60 -13.42
N LYS C 40 -19.60 30.93 -13.60
CA LYS C 40 -20.49 31.63 -14.51
C LYS C 40 -20.06 31.38 -15.96
N PRO C 41 -20.98 31.54 -16.91
CA PRO C 41 -20.60 31.36 -18.33
C PRO C 41 -19.52 32.35 -18.74
N GLY C 42 -18.37 31.80 -19.15
CA GLY C 42 -17.26 32.61 -19.59
C GLY C 42 -16.40 33.18 -18.49
N LYS C 43 -16.69 32.89 -17.23
CA LYS C 43 -15.93 33.39 -16.10
C LYS C 43 -15.15 32.25 -15.45
N ALA C 44 -14.44 32.58 -14.35
CA ALA C 44 -13.65 31.60 -13.63
C ALA C 44 -14.44 31.05 -12.45
N PRO C 45 -14.22 29.78 -12.11
CA PRO C 45 -14.95 29.20 -10.97
C PRO C 45 -14.53 29.83 -9.65
N LYS C 46 -15.44 29.78 -8.69
CA LYS C 46 -15.21 30.31 -7.35
C LYS C 46 -15.56 29.26 -6.32
N LEU C 47 -14.89 29.34 -5.16
CA LEU C 47 -15.09 28.37 -4.11
C LEU C 47 -16.40 28.63 -3.39
N LEU C 48 -17.20 27.57 -3.19
CA LEU C 48 -18.44 27.66 -2.44
C LEU C 48 -18.36 26.92 -1.12
N ILE C 49 -18.06 25.62 -1.15
CA ILE C 49 -18.05 24.77 0.04
C ILE C 49 -16.78 23.94 0.03
N TYR C 50 -16.09 23.90 1.17
CA TYR C 50 -14.90 23.09 1.33
C TYR C 50 -15.08 22.17 2.53
N SER C 51 -14.47 20.99 2.44
CA SER C 51 -14.55 19.94 3.45
C SER C 51 -15.97 19.41 3.64
N ALA C 52 -16.85 19.69 2.67
CA ALA C 52 -18.20 19.13 2.59
C ALA C 52 -19.11 19.60 3.72
N SER C 53 -18.57 20.36 4.67
CA SER C 53 -19.38 20.88 5.77
C SER C 53 -19.08 22.33 6.13
N SER C 54 -17.99 22.91 5.65
CA SER C 54 -17.59 24.26 6.02
C SER C 54 -17.97 25.22 4.91
N LEU C 55 -18.53 26.36 5.29
CA LEU C 55 -18.98 27.36 4.34
C LEU C 55 -17.90 28.43 4.16
N TYR C 56 -17.57 28.72 2.90
CA TYR C 56 -16.54 29.70 2.62
C TYR C 56 -16.99 31.10 3.03
N SER C 57 -16.06 31.86 3.60
CA SER C 57 -16.37 33.22 4.05
C SER C 57 -16.58 34.10 2.83
N GLY C 58 -17.82 34.54 2.62
CA GLY C 58 -18.15 35.40 1.49
C GLY C 58 -19.35 34.94 0.70
N VAL C 59 -19.51 33.63 0.53
CA VAL C 59 -20.67 33.08 -0.15
C VAL C 59 -21.85 33.18 0.80
N PRO C 60 -23.07 33.48 0.32
CA PRO C 60 -24.21 33.54 1.22
C PRO C 60 -24.45 32.20 1.93
N SER C 61 -24.92 32.29 3.17
CA SER C 61 -25.08 31.13 4.03
C SER C 61 -26.20 30.20 3.58
N ARG C 62 -26.95 30.54 2.52
CA ARG C 62 -27.99 29.64 2.04
C ARG C 62 -27.42 28.32 1.52
N PHE C 63 -26.24 28.36 0.90
CA PHE C 63 -25.60 27.15 0.42
C PHE C 63 -25.29 26.21 1.58
N SER C 64 -25.58 24.93 1.42
CA SER C 64 -25.29 23.94 2.43
C SER C 64 -24.64 22.71 1.79
N GLY C 65 -23.75 22.08 2.54
CA GLY C 65 -23.12 20.85 2.10
C GLY C 65 -23.29 19.73 3.09
N SER C 66 -23.64 18.54 2.60
CA SER C 66 -23.90 17.39 3.47
C SER C 66 -23.10 16.19 2.98
N ARG C 67 -22.72 15.34 3.94
CA ARG C 67 -21.91 14.16 3.70
C ARG C 67 -22.61 12.93 4.27
N SER C 68 -22.56 11.83 3.52
CA SER C 68 -23.05 10.53 3.99
C SER C 68 -22.18 9.47 3.34
N GLY C 69 -21.31 8.83 4.11
CA GLY C 69 -20.40 7.85 3.55
C GLY C 69 -19.48 8.51 2.54
N THR C 70 -19.41 7.90 1.35
CA THR C 70 -18.67 8.47 0.23
C THR C 70 -19.55 9.28 -0.71
N ASP C 71 -20.73 9.68 -0.26
CA ASP C 71 -21.66 10.48 -1.04
C ASP C 71 -21.75 11.89 -0.46
N PHE C 72 -21.86 12.87 -1.33
CA PHE C 72 -21.86 14.26 -0.92
C PHE C 72 -22.98 14.98 -1.65
N THR C 73 -23.46 16.08 -1.06
CA THR C 73 -24.52 16.84 -1.73
C THR C 73 -24.40 18.32 -1.39
N LEU C 74 -24.69 19.16 -2.39
CA LEU C 74 -24.76 20.59 -2.24
C LEU C 74 -26.19 21.05 -2.48
N THR C 75 -26.75 21.78 -1.53
CA THR C 75 -28.14 22.18 -1.61
C THR C 75 -28.28 23.69 -1.44
N ILE C 76 -29.27 24.24 -2.12
CA ILE C 76 -29.66 25.64 -2.02
C ILE C 76 -31.14 25.68 -1.66
N SER C 77 -31.45 26.25 -0.48
CA SER C 77 -32.83 26.26 -0.02
C SER C 77 -33.71 27.17 -0.86
N SER C 78 -33.21 28.36 -1.20
CA SER C 78 -33.97 29.35 -1.94
C SER C 78 -33.22 29.72 -3.22
N LEU C 79 -33.77 29.34 -4.37
CA LEU C 79 -33.15 29.66 -5.64
C LEU C 79 -33.43 31.11 -6.01
N GLN C 80 -32.42 31.76 -6.58
CA GLN C 80 -32.46 33.19 -6.89
C GLN C 80 -31.88 33.41 -8.27
N PRO C 81 -32.07 34.59 -8.85
CA PRO C 81 -31.47 34.84 -10.18
C PRO C 81 -29.96 34.70 -10.22
N GLU C 82 -29.24 35.08 -9.16
CA GLU C 82 -27.79 35.11 -9.25
C GLU C 82 -27.17 33.72 -9.32
N ASP C 83 -27.71 32.74 -8.60
CA ASP C 83 -27.09 31.41 -8.59
C ASP C 83 -27.53 30.57 -9.79
N PHE C 84 -27.35 31.15 -10.98
CA PHE C 84 -27.62 30.50 -12.25
C PHE C 84 -26.29 30.38 -12.98
N ALA C 85 -25.64 29.23 -12.82
CA ALA C 85 -24.31 28.99 -13.38
C ALA C 85 -24.10 27.49 -13.44
N THR C 86 -22.86 27.07 -13.70
CA THR C 86 -22.53 25.66 -13.67
C THR C 86 -21.84 25.31 -12.36
N TYR C 87 -22.07 24.10 -11.88
CA TYR C 87 -21.57 23.65 -10.59
C TYR C 87 -20.68 22.43 -10.78
N TYR C 88 -19.55 22.43 -10.08
CA TYR C 88 -18.53 21.39 -10.23
C TYR C 88 -18.18 20.80 -8.87
N CYS C 89 -17.89 19.50 -8.89
CA CYS C 89 -17.54 18.74 -7.69
C CYS C 89 -16.10 18.27 -7.84
N GLN C 90 -15.29 18.47 -6.79
CA GLN C 90 -13.87 18.19 -6.85
C GLN C 90 -13.44 17.37 -5.64
N GLN C 91 -12.47 16.49 -5.85
CA GLN C 91 -11.86 15.70 -4.79
C GLN C 91 -10.39 16.08 -4.63
N GLY C 92 -9.92 16.06 -3.39
CA GLY C 92 -8.54 16.46 -3.11
C GLY C 92 -7.76 15.52 -2.21
N ALA C 93 -8.02 14.21 -2.31
CA ALA C 93 -7.33 13.22 -1.50
C ALA C 93 -6.32 12.40 -2.29
N SER C 94 -6.06 12.76 -3.54
CA SER C 94 -5.10 12.05 -4.36
C SER C 94 -4.43 13.04 -5.30
N GLU C 95 -3.24 12.67 -5.77
CA GLU C 95 -2.50 13.57 -6.66
C GLU C 95 -3.24 13.85 -7.95
N PRO C 96 -3.83 12.87 -8.65
CA PRO C 96 -4.68 13.24 -9.79
C PRO C 96 -6.00 13.83 -9.30
N ILE C 97 -6.12 15.14 -9.42
CA ILE C 97 -7.35 15.83 -8.97
C ILE C 97 -8.39 15.71 -10.07
N THR C 98 -9.52 15.11 -9.75
CA THR C 98 -10.58 14.86 -10.72
C THR C 98 -11.81 15.67 -10.35
N PHE C 99 -12.36 16.38 -11.34
CA PHE C 99 -13.54 17.20 -11.14
C PHE C 99 -14.80 16.42 -11.50
N GLY C 100 -15.94 16.93 -11.06
CA GLY C 100 -17.20 16.32 -11.42
C GLY C 100 -17.57 16.58 -12.87
N GLN C 101 -18.63 15.89 -13.31
CA GLN C 101 -19.07 16.03 -14.69
C GLN C 101 -19.55 17.44 -14.98
N GLY C 102 -20.22 18.07 -14.02
CA GLY C 102 -20.72 19.41 -14.21
C GLY C 102 -22.20 19.46 -14.47
N THR C 103 -22.96 20.10 -13.59
CA THR C 103 -24.40 20.19 -13.70
C THR C 103 -24.81 21.62 -14.06
N LYS C 104 -25.87 21.73 -14.87
CA LYS C 104 -26.38 23.00 -15.34
C LYS C 104 -27.76 23.24 -14.76
N VAL C 105 -27.98 24.43 -14.20
CA VAL C 105 -29.27 24.81 -13.64
C VAL C 105 -30.00 25.67 -14.66
N GLU C 106 -31.31 25.46 -14.78
CA GLU C 106 -32.12 26.17 -15.76
C GLU C 106 -33.32 26.82 -15.07
N ILE C 107 -34.06 27.60 -15.85
CA ILE C 107 -35.24 28.31 -15.36
C ILE C 107 -36.48 27.56 -15.83
N LYS C 108 -37.26 27.04 -14.88
CA LYS C 108 -38.51 26.37 -15.20
C LYS C 108 -39.55 27.40 -15.63
N ARG C 109 -40.18 27.16 -16.77
CA ARG C 109 -41.15 28.11 -17.32
C ARG C 109 -42.09 27.35 -18.25
N THR C 110 -43.04 28.09 -18.81
CA THR C 110 -44.00 27.51 -19.74
C THR C 110 -43.29 27.06 -21.02
N VAL C 111 -43.79 25.97 -21.60
CA VAL C 111 -43.24 25.50 -22.88
C VAL C 111 -43.66 26.46 -23.98
N ALA C 112 -42.82 26.56 -25.01
CA ALA C 112 -43.07 27.44 -26.14
C ALA C 112 -43.10 26.62 -27.43
N ALA C 113 -44.10 26.86 -28.26
CA ALA C 113 -44.19 26.17 -29.54
C ALA C 113 -43.12 26.74 -30.48
N PRO C 114 -42.23 25.92 -31.02
CA PRO C 114 -41.14 26.47 -31.84
C PRO C 114 -41.65 27.09 -33.12
N SER C 115 -41.02 28.19 -33.52
CA SER C 115 -41.21 28.79 -34.83
C SER C 115 -40.13 28.25 -35.76
N VAL C 116 -40.56 27.54 -36.80
CA VAL C 116 -39.67 26.76 -37.65
C VAL C 116 -39.67 27.33 -39.05
N PHE C 117 -38.48 27.44 -39.65
CA PHE C 117 -38.30 28.12 -40.92
C PHE C 117 -37.27 27.39 -41.77
N ILE C 118 -37.46 27.47 -43.09
CA ILE C 118 -36.57 26.94 -44.10
C ILE C 118 -35.76 28.08 -44.70
N PHE C 119 -34.57 27.77 -45.19
CA PHE C 119 -33.74 28.75 -45.90
C PHE C 119 -32.93 28.00 -46.95
N PRO C 120 -33.36 28.03 -48.21
CA PRO C 120 -32.63 27.35 -49.27
C PRO C 120 -31.35 28.10 -49.62
N PRO C 121 -30.42 27.46 -50.32
CA PRO C 121 -29.20 28.16 -50.73
C PRO C 121 -29.50 29.37 -51.60
N SER C 122 -28.71 30.43 -51.41
CA SER C 122 -28.93 31.68 -52.12
C SER C 122 -28.43 31.57 -53.56
N ASP C 123 -28.59 32.66 -54.32
CA ASP C 123 -28.18 32.68 -55.71
C ASP C 123 -26.66 32.71 -55.88
N SER C 124 -25.91 32.97 -54.82
CA SER C 124 -24.45 32.98 -54.86
C SER C 124 -23.84 31.62 -54.53
N GLN C 125 -24.68 30.60 -54.29
CA GLN C 125 -24.18 29.28 -53.93
C GLN C 125 -23.76 28.45 -55.14
N LEU C 126 -24.08 28.88 -56.35
CA LEU C 126 -23.73 28.15 -57.56
C LEU C 126 -22.35 28.52 -58.08
N LYS C 127 -21.65 29.45 -57.42
CA LYS C 127 -20.31 29.85 -57.83
C LYS C 127 -19.27 29.70 -56.73
N SER C 128 -19.67 29.46 -55.48
CA SER C 128 -18.75 29.34 -54.36
C SER C 128 -18.18 27.94 -54.19
N GLY C 129 -18.64 26.98 -54.98
CA GLY C 129 -18.15 25.61 -54.91
C GLY C 129 -19.01 24.66 -54.09
N THR C 130 -19.96 25.18 -53.33
CA THR C 130 -20.83 24.32 -52.51
C THR C 130 -22.11 25.08 -52.21
N ALA C 131 -23.13 24.32 -51.82
CA ALA C 131 -24.44 24.87 -51.48
C ALA C 131 -24.78 24.52 -50.03
N SER C 132 -25.46 25.45 -49.36
CA SER C 132 -25.82 25.28 -47.95
C SER C 132 -27.29 25.61 -47.77
N VAL C 133 -28.00 24.74 -47.04
CA VAL C 133 -29.41 24.93 -46.74
C VAL C 133 -29.58 24.88 -45.22
N VAL C 134 -30.47 25.72 -44.69
CA VAL C 134 -30.62 25.92 -43.26
C VAL C 134 -32.05 25.61 -42.84
N CYS C 135 -32.20 24.86 -41.74
CA CYS C 135 -33.48 24.64 -41.09
C CYS C 135 -33.36 25.17 -39.67
N LEU C 136 -34.13 26.19 -39.33
CA LEU C 136 -33.91 26.93 -38.09
C LEU C 136 -35.20 27.04 -37.31
N LEU C 137 -35.13 26.77 -36.00
CA LEU C 137 -36.27 26.92 -35.12
C LEU C 137 -35.92 27.81 -33.94
N ASN C 138 -36.93 28.51 -33.43
CA ASN C 138 -36.80 29.41 -32.30
C ASN C 138 -37.89 29.12 -31.29
N ASN C 139 -37.70 29.61 -30.06
CA ASN C 139 -38.71 29.57 -29.02
C ASN C 139 -39.15 28.12 -28.74
N PHE C 140 -38.18 27.31 -28.29
CA PHE C 140 -38.45 25.94 -27.91
C PHE C 140 -37.85 25.68 -26.52
N TYR C 141 -38.44 24.73 -25.82
CA TYR C 141 -38.06 24.46 -24.43
C TYR C 141 -38.41 23.02 -24.06
N PRO C 142 -37.43 22.21 -23.64
CA PRO C 142 -36.00 22.51 -23.50
C PRO C 142 -35.21 22.29 -24.79
N ARG C 143 -33.88 22.09 -24.66
CA ARG C 143 -33.04 21.90 -25.84
C ARG C 143 -33.33 20.61 -26.59
N GLU C 144 -34.20 19.75 -26.05
CA GLU C 144 -34.44 18.43 -26.63
C GLU C 144 -35.21 18.58 -27.92
N ALA C 145 -34.48 18.82 -29.00
CA ALA C 145 -35.03 18.89 -30.35
C ALA C 145 -34.20 18.03 -31.29
N LYS C 146 -34.87 17.22 -32.09
CA LYS C 146 -34.22 16.30 -33.03
C LYS C 146 -34.54 16.76 -34.44
N VAL C 147 -33.57 17.36 -35.11
CA VAL C 147 -33.73 17.81 -36.48
C VAL C 147 -33.22 16.73 -37.42
N GLN C 148 -34.07 16.30 -38.35
CA GLN C 148 -33.75 15.24 -39.30
C GLN C 148 -33.76 15.79 -40.72
N TRP C 149 -32.80 15.33 -41.51
CA TRP C 149 -32.68 15.70 -42.92
C TRP C 149 -32.93 14.44 -43.75
N LYS C 150 -33.88 14.51 -44.67
CA LYS C 150 -34.15 13.37 -45.54
C LYS C 150 -34.34 13.84 -46.97
N VAL C 151 -33.89 13.03 -47.91
CA VAL C 151 -34.13 13.23 -49.34
C VAL C 151 -34.68 11.93 -49.89
N ASP C 152 -35.98 11.91 -50.19
CA ASP C 152 -36.67 10.68 -50.60
C ASP C 152 -36.50 9.59 -49.54
N ASN C 153 -36.66 9.99 -48.27
CA ASN C 153 -36.54 9.08 -47.12
C ASN C 153 -35.14 8.45 -47.06
N ALA C 154 -34.15 9.33 -46.91
CA ALA C 154 -32.75 8.92 -46.77
C ALA C 154 -32.17 9.50 -45.48
N LEU C 155 -31.51 8.66 -44.70
CA LEU C 155 -30.94 9.09 -43.44
C LEU C 155 -29.57 9.74 -43.65
N GLN C 156 -29.20 10.59 -42.70
CA GLN C 156 -27.93 11.29 -42.72
C GLN C 156 -27.26 11.21 -41.35
N SER C 157 -25.94 11.07 -41.36
CA SER C 157 -25.17 11.03 -40.10
C SER C 157 -23.75 11.45 -40.39
N GLY C 158 -23.27 12.47 -39.65
CA GLY C 158 -21.88 12.89 -39.74
C GLY C 158 -21.63 14.14 -40.55
N ASN C 159 -22.64 14.66 -41.26
CA ASN C 159 -22.44 15.83 -42.12
C ASN C 159 -23.23 17.05 -41.67
N SER C 160 -24.26 16.90 -40.85
CA SER C 160 -25.06 18.04 -40.43
C SER C 160 -24.28 18.93 -39.48
N GLN C 161 -24.53 20.23 -39.56
CA GLN C 161 -23.92 21.21 -38.66
C GLN C 161 -25.02 21.74 -37.74
N GLU C 162 -25.00 21.29 -36.49
CA GLU C 162 -26.04 21.62 -35.52
C GLU C 162 -25.51 22.63 -34.52
N SER C 163 -26.26 23.70 -34.29
CA SER C 163 -25.89 24.72 -33.32
C SER C 163 -27.10 25.08 -32.46
N VAL C 164 -26.86 25.26 -31.16
CA VAL C 164 -27.88 25.69 -30.22
C VAL C 164 -27.28 26.76 -29.31
N THR C 165 -28.05 27.81 -29.04
CA THR C 165 -27.58 28.95 -28.27
C THR C 165 -27.98 28.78 -26.80
N GLU C 166 -27.60 29.78 -26.00
CA GLU C 166 -27.91 29.79 -24.57
C GLU C 166 -29.26 30.47 -24.34
N GLN C 167 -29.64 30.58 -23.07
CA GLN C 167 -30.99 31.02 -22.73
C GLN C 167 -31.20 32.49 -23.10
N ASP C 168 -32.36 32.77 -23.70
CA ASP C 168 -32.69 34.13 -24.11
C ASP C 168 -32.79 35.06 -22.91
N SER C 169 -32.39 36.31 -23.11
CA SER C 169 -32.49 37.32 -22.07
C SER C 169 -33.84 38.02 -22.03
N LYS C 170 -34.68 37.84 -23.05
CA LYS C 170 -35.99 38.48 -23.11
C LYS C 170 -37.10 37.57 -22.58
N ASP C 171 -37.23 36.38 -23.14
CA ASP C 171 -38.27 35.43 -22.74
C ASP C 171 -37.71 34.14 -22.18
N SER C 172 -36.39 34.02 -22.05
CA SER C 172 -35.73 32.82 -21.53
C SER C 172 -36.12 31.58 -22.35
N THR C 173 -35.77 31.63 -23.64
CA THR C 173 -36.01 30.50 -24.54
C THR C 173 -34.78 30.22 -25.38
N TYR C 174 -34.87 29.26 -26.30
CA TYR C 174 -33.70 28.79 -27.04
C TYR C 174 -33.96 28.83 -28.54
N SER C 175 -32.87 28.93 -29.29
CA SER C 175 -32.90 28.89 -30.75
C SER C 175 -31.89 27.85 -31.23
N LEU C 176 -32.28 27.07 -32.24
CA LEU C 176 -31.43 26.04 -32.81
C LEU C 176 -31.42 26.14 -34.32
N SER C 177 -30.28 25.80 -34.92
CA SER C 177 -30.09 25.86 -36.35
C SER C 177 -29.40 24.59 -36.84
N SER C 178 -29.82 24.10 -38.00
CA SER C 178 -29.22 22.94 -38.64
C SER C 178 -28.81 23.34 -40.06
N THR C 179 -27.57 23.01 -40.42
CA THR C 179 -27.00 23.37 -41.72
C THR C 179 -26.62 22.10 -42.47
N LEU C 180 -27.02 22.03 -43.74
CA LEU C 180 -26.68 20.94 -44.63
C LEU C 180 -25.90 21.48 -45.82
N THR C 181 -24.73 20.90 -46.07
CA THR C 181 -23.82 21.37 -47.12
C THR C 181 -23.62 20.27 -48.15
N LEU C 182 -23.73 20.63 -49.43
CA LEU C 182 -23.57 19.71 -50.53
C LEU C 182 -22.61 20.30 -51.56
N SER C 183 -22.03 19.42 -52.37
CA SER C 183 -21.05 19.81 -53.38
C SER C 183 -21.75 20.00 -54.73
N LYS C 184 -20.96 20.21 -55.78
CA LYS C 184 -21.53 20.46 -57.10
C LYS C 184 -22.25 19.23 -57.64
N ALA C 185 -21.61 18.06 -57.56
CA ALA C 185 -22.23 16.83 -58.07
C ALA C 185 -23.49 16.49 -57.28
N ASP C 186 -23.45 16.66 -55.96
CA ASP C 186 -24.61 16.37 -55.12
C ASP C 186 -25.69 17.44 -55.21
N TYR C 187 -25.44 18.54 -55.90
CA TYR C 187 -26.42 19.61 -56.01
C TYR C 187 -27.52 19.29 -57.02
N GLU C 188 -27.20 18.56 -58.08
CA GLU C 188 -28.13 18.33 -59.19
C GLU C 188 -28.86 16.99 -59.09
N LYS C 189 -28.72 16.28 -57.96
CA LYS C 189 -29.46 15.05 -57.74
C LYS C 189 -30.89 15.39 -57.29
N HIS C 190 -31.60 14.40 -56.73
CA HIS C 190 -33.04 14.44 -56.51
C HIS C 190 -33.54 15.83 -56.11
N LYS C 191 -34.55 16.30 -56.84
CA LYS C 191 -34.99 17.69 -56.71
C LYS C 191 -35.58 17.98 -55.34
N VAL C 192 -36.36 17.06 -54.79
CA VAL C 192 -37.07 17.30 -53.53
C VAL C 192 -36.07 17.33 -52.39
N TYR C 193 -36.18 18.37 -51.55
CA TYR C 193 -35.30 18.54 -50.40
C TYR C 193 -36.18 18.84 -49.19
N ALA C 194 -35.92 18.15 -48.08
CA ALA C 194 -36.82 18.25 -46.94
C ALA C 194 -36.05 18.12 -45.63
N CYS C 195 -36.60 18.73 -44.58
CA CYS C 195 -36.12 18.53 -43.22
C CYS C 195 -37.29 18.46 -42.26
N GLU C 196 -37.09 17.70 -41.18
CA GLU C 196 -38.11 17.48 -40.16
C GLU C 196 -37.59 17.93 -38.81
N VAL C 197 -38.48 18.51 -38.01
CA VAL C 197 -38.15 18.99 -36.67
C VAL C 197 -39.11 18.38 -35.67
N THR C 198 -38.56 17.79 -34.61
CA THR C 198 -39.36 17.17 -33.55
C THR C 198 -39.06 17.89 -32.23
N HIS C 199 -40.12 18.34 -31.56
CA HIS C 199 -39.98 19.02 -30.29
C HIS C 199 -41.08 18.56 -29.34
N GLN C 200 -40.80 18.65 -28.03
CA GLN C 200 -41.77 18.24 -27.03
C GLN C 200 -43.00 19.14 -27.02
N GLY C 201 -42.92 20.34 -27.59
CA GLY C 201 -44.05 21.23 -27.63
C GLY C 201 -45.14 20.87 -28.61
N LEU C 202 -44.89 19.88 -29.47
CA LEU C 202 -45.86 19.39 -30.43
C LEU C 202 -45.94 17.88 -30.36
N SER C 203 -47.10 17.35 -30.77
CA SER C 203 -47.30 15.91 -30.79
C SER C 203 -46.80 15.26 -32.07
N SER C 204 -46.62 16.04 -33.14
CA SER C 204 -46.11 15.53 -34.40
C SER C 204 -45.00 16.43 -34.92
N PRO C 205 -44.04 15.86 -35.65
CA PRO C 205 -42.96 16.68 -36.20
C PRO C 205 -43.46 17.61 -37.29
N VAL C 206 -42.73 18.72 -37.46
CA VAL C 206 -43.00 19.68 -38.52
C VAL C 206 -42.06 19.36 -39.68
N THR C 207 -42.63 19.16 -40.86
CA THR C 207 -41.88 18.76 -42.05
C THR C 207 -41.93 19.86 -43.09
N LYS C 208 -40.77 20.21 -43.64
CA LYS C 208 -40.68 21.16 -44.73
C LYS C 208 -40.05 20.47 -45.94
N SER C 209 -40.78 20.46 -47.04
CA SER C 209 -40.31 19.92 -48.31
C SER C 209 -40.43 20.98 -49.39
N PHE C 210 -39.42 21.06 -50.25
CA PHE C 210 -39.39 22.04 -51.31
C PHE C 210 -38.59 21.48 -52.48
N ASN C 211 -38.50 22.26 -53.55
CA ASN C 211 -37.76 21.89 -54.74
C ASN C 211 -36.61 22.87 -54.96
N ARG C 212 -35.42 22.33 -55.20
CA ARG C 212 -34.23 23.15 -55.38
C ARG C 212 -34.24 23.85 -56.74
N TYR D 23 -8.39 -31.34 -7.10
CA TYR D 23 -7.17 -30.55 -7.16
C TYR D 23 -7.04 -29.65 -5.93
N SER D 24 -8.16 -29.05 -5.51
CA SER D 24 -8.13 -28.15 -4.37
C SER D 24 -7.75 -28.86 -3.08
N GLN D 25 -7.95 -30.18 -3.00
CA GLN D 25 -7.55 -30.96 -1.84
C GLN D 25 -6.31 -31.81 -2.06
N THR D 26 -6.04 -32.23 -3.30
CA THR D 26 -4.85 -33.00 -3.57
C THR D 26 -3.59 -32.15 -3.40
N TRP D 27 -3.67 -30.86 -3.76
CA TRP D 27 -2.53 -29.97 -3.63
C TRP D 27 -2.13 -29.80 -2.16
N LEU D 28 -3.12 -29.60 -1.28
CA LEU D 28 -2.82 -29.33 0.13
C LEU D 28 -2.26 -30.56 0.82
N ALA D 29 -2.84 -31.73 0.56
CA ALA D 29 -2.33 -32.97 1.15
C ALA D 29 -0.90 -33.23 0.69
N SER D 30 -0.62 -33.00 -0.59
CA SER D 30 0.74 -33.19 -1.09
C SER D 30 1.70 -32.21 -0.43
N VAL D 31 1.27 -30.96 -0.23
CA VAL D 31 2.12 -29.98 0.44
C VAL D 31 2.48 -30.46 1.85
N VAL D 32 1.47 -30.91 2.60
CA VAL D 32 1.72 -31.36 3.97
C VAL D 32 2.65 -32.57 4.00
N ILE D 33 2.41 -33.52 3.09
CA ILE D 33 3.22 -34.74 3.06
C ILE D 33 4.67 -34.41 2.72
N ILE D 34 4.88 -33.52 1.75
CA ILE D 34 6.25 -33.16 1.38
C ILE D 34 6.94 -32.42 2.52
N GLY D 35 6.19 -31.58 3.25
CA GLY D 35 6.77 -30.93 4.40
C GLY D 35 7.25 -31.93 5.44
N LEU D 36 6.42 -32.92 5.76
CA LEU D 36 6.83 -33.95 6.71
C LEU D 36 8.04 -34.73 6.20
N LEU D 37 8.04 -35.06 4.90
CA LEU D 37 9.15 -35.82 4.33
C LEU D 37 10.47 -35.06 4.41
N VAL D 38 10.45 -33.76 4.09
CA VAL D 38 11.69 -33.00 4.15
C VAL D 38 12.14 -32.82 5.59
N GLY D 39 11.20 -32.71 6.53
CA GLY D 39 11.59 -32.68 7.94
C GLY D 39 12.32 -33.95 8.35
N TYR D 40 11.78 -35.10 7.96
CA TYR D 40 12.44 -36.37 8.28
C TYR D 40 13.82 -36.48 7.63
N ILE D 41 13.92 -36.04 6.37
CA ILE D 41 15.20 -36.10 5.67
C ILE D 41 16.24 -35.23 6.37
N ASN D 42 15.83 -34.03 6.80
CA ASN D 42 16.74 -33.17 7.54
C ASN D 42 17.18 -33.81 8.86
N TYR D 43 16.25 -34.46 9.56
CA TYR D 43 16.61 -35.14 10.79
C TYR D 43 17.67 -36.21 10.55
N GLN D 44 17.46 -37.03 9.50
CA GLN D 44 18.43 -38.07 9.19
C GLN D 44 19.78 -37.49 8.80
N HIS D 45 19.77 -36.39 8.05
CA HIS D 45 21.02 -35.77 7.61
C HIS D 45 21.81 -35.23 8.80
N VAL D 46 21.13 -34.54 9.72
CA VAL D 46 21.85 -33.99 10.87
C VAL D 46 22.35 -35.11 11.77
N TYR D 47 21.59 -36.20 11.90
CA TYR D 47 22.08 -37.34 12.67
C TYR D 47 23.34 -37.94 12.04
N THR D 48 23.35 -38.09 10.72
CA THR D 48 24.53 -38.63 10.05
C THR D 48 25.73 -37.72 10.23
N LEU D 49 25.54 -36.40 10.11
CA LEU D 49 26.64 -35.47 10.31
C LEU D 49 27.17 -35.55 11.73
N PHE D 50 26.28 -35.63 12.72
CA PHE D 50 26.71 -35.72 14.11
C PHE D 50 27.51 -36.99 14.37
N GLU D 51 27.03 -38.13 13.84
CA GLU D 51 27.76 -39.37 14.05
C GLU D 51 29.11 -39.36 13.33
N ASN D 52 29.21 -38.66 12.20
CA ASN D 52 30.50 -38.56 11.52
C ASN D 52 31.47 -37.68 12.29
N ASP D 53 30.98 -36.58 12.85
CA ASP D 53 31.87 -35.60 13.48
C ASP D 53 32.39 -36.07 14.83
N LYS D 54 31.53 -36.65 15.67
CA LYS D 54 31.86 -36.86 17.07
C LYS D 54 32.15 -38.31 17.44
N HIS D 55 31.80 -39.27 16.58
CA HIS D 55 32.12 -40.69 16.80
C HIS D 55 31.51 -41.21 18.11
N PHE D 56 30.28 -40.78 18.43
CA PHE D 56 29.63 -41.25 19.64
C PHE D 56 29.36 -42.74 19.66
N SER D 57 29.39 -43.42 18.51
CA SER D 57 29.07 -44.84 18.49
C SER D 57 30.08 -45.67 19.28
N HIS D 58 31.33 -45.22 19.36
CA HIS D 58 32.39 -45.95 20.05
C HIS D 58 33.08 -45.07 21.07
N LEU D 59 32.29 -44.35 21.87
CA LEU D 59 32.80 -43.51 22.93
C LEU D 59 32.16 -43.91 24.25
N ALA D 60 32.95 -43.87 25.32
CA ALA D 60 32.42 -44.12 26.65
C ALA D 60 31.60 -42.91 27.12
N ASP D 61 30.82 -43.12 28.18
CA ASP D 61 29.92 -42.07 28.65
C ASP D 61 30.70 -40.85 29.13
N PHE D 62 31.79 -41.06 29.86
CA PHE D 62 32.58 -39.92 30.33
C PHE D 62 33.31 -39.24 29.17
N GLU D 63 33.63 -39.98 28.11
CA GLU D 63 34.28 -39.38 26.95
C GLU D 63 33.31 -38.55 26.13
N ARG D 64 32.02 -38.92 26.13
CA ARG D 64 31.01 -38.08 25.50
C ARG D 64 30.85 -36.76 26.24
N GLU D 65 30.92 -36.80 27.58
CA GLU D 65 30.93 -35.58 28.36
C GLU D 65 32.09 -34.68 27.97
N MET D 66 33.27 -35.28 27.74
CA MET D 66 34.41 -34.53 27.24
C MET D 66 34.13 -33.96 25.86
N ALA D 67 33.42 -34.72 25.02
CA ALA D 67 33.05 -34.20 23.71
C ALA D 67 32.15 -32.98 23.82
N TYR D 68 31.35 -32.89 24.88
CA TYR D 68 30.61 -31.66 25.17
C TYR D 68 31.58 -30.63 25.74
N ARG D 69 31.99 -29.65 24.95
CA ARG D 69 33.06 -28.71 25.42
C ARG D 69 32.60 -27.57 26.35
N THR D 70 32.96 -26.31 26.08
CA THR D 70 32.77 -25.21 27.07
C THR D 70 31.35 -24.82 27.52
N GLU D 71 30.35 -24.64 26.67
CA GLU D 71 29.03 -24.22 27.26
C GLU D 71 28.07 -25.39 27.13
N MET D 72 28.36 -26.30 26.20
CA MET D 72 27.54 -27.52 26.01
C MET D 72 27.61 -28.39 27.26
N GLY D 73 28.80 -28.52 27.87
CA GLY D 73 28.98 -29.27 29.12
C GLY D 73 28.23 -28.69 30.29
N LEU D 74 28.23 -27.36 30.41
CA LEU D 74 27.51 -26.68 31.53
C LEU D 74 26.00 -26.95 31.42
N TYR D 75 25.43 -26.94 30.21
CA TYR D 75 23.98 -27.24 30.02
C TYR D 75 23.71 -28.72 30.30
N TYR D 76 24.50 -29.66 29.77
CA TYR D 76 24.22 -31.08 29.94
C TYR D 76 24.37 -31.54 31.39
N SER D 77 25.17 -30.84 32.19
CA SER D 77 25.40 -31.28 33.57
C SER D 77 24.14 -31.19 34.41
N TYR D 78 23.26 -30.23 34.14
CA TYR D 78 22.02 -30.12 34.92
C TYR D 78 21.03 -31.19 34.51
N TYR D 79 21.00 -31.55 33.23
CA TYR D 79 20.21 -32.70 32.79
C TYR D 79 20.69 -33.97 33.49
N LYS D 80 22.01 -34.15 33.57
CA LYS D 80 22.55 -35.31 34.27
C LYS D 80 22.21 -35.27 35.75
N THR D 81 22.24 -34.08 36.35
CA THR D 81 21.90 -33.94 37.76
C THR D 81 20.45 -34.35 38.02
N ILE D 82 19.53 -33.90 37.16
CA ILE D 82 18.12 -34.24 37.38
C ILE D 82 17.88 -35.72 37.15
N ILE D 83 18.46 -36.30 36.10
CA ILE D 83 18.18 -37.70 35.82
C ILE D 83 18.81 -38.64 36.83
N ASN D 84 19.76 -38.16 37.62
CA ASN D 84 20.39 -38.98 38.66
C ASN D 84 19.88 -38.66 40.06
N ALA D 85 18.99 -37.69 40.20
CA ALA D 85 18.45 -37.34 41.51
C ALA D 85 17.51 -38.44 42.00
N PRO D 86 17.28 -38.52 43.32
CA PRO D 86 16.33 -39.52 43.82
C PRO D 86 14.93 -39.37 43.27
N SER D 87 14.49 -38.14 43.01
CA SER D 87 13.20 -37.90 42.37
C SER D 87 13.30 -36.66 41.50
N PHE D 88 12.34 -36.52 40.58
CA PHE D 88 12.35 -35.38 39.69
C PHE D 88 12.17 -34.07 40.45
N LEU D 89 11.28 -34.05 41.43
CA LEU D 89 11.04 -32.83 42.20
C LEU D 89 12.28 -32.43 43.00
N GLU D 90 12.99 -33.41 43.57
CA GLU D 90 14.21 -33.08 44.30
C GLU D 90 15.32 -32.65 43.36
N GLY D 91 15.37 -33.19 42.14
CA GLY D 91 16.32 -32.68 41.16
C GLY D 91 16.05 -31.24 40.78
N VAL D 92 14.77 -30.91 40.58
CA VAL D 92 14.42 -29.52 40.27
C VAL D 92 14.76 -28.61 41.44
N GLN D 93 14.47 -29.06 42.67
CA GLN D 93 14.82 -28.28 43.85
C GLN D 93 16.32 -28.11 43.99
N GLU D 94 17.09 -29.10 43.54
CA GLU D 94 18.54 -29.01 43.63
C GLU D 94 19.11 -28.07 42.58
N ILE D 95 18.51 -28.02 41.40
CA ILE D 95 19.03 -27.09 40.39
C ILE D 95 18.49 -25.68 40.57
N THR D 96 17.37 -25.49 41.26
CA THR D 96 16.86 -24.16 41.53
C THR D 96 17.42 -23.54 42.81
N HIS D 97 18.18 -24.31 43.58
CA HIS D 97 18.89 -23.82 44.77
C HIS D 97 20.36 -24.20 44.67
N ASP D 98 20.94 -23.99 43.50
CA ASP D 98 22.28 -24.47 43.21
C ASP D 98 23.32 -23.67 43.99
N THR D 99 24.26 -24.37 44.63
CA THR D 99 25.34 -23.74 45.37
C THR D 99 26.72 -24.18 44.91
N VAL D 100 26.81 -24.99 43.86
CA VAL D 100 28.09 -25.50 43.40
C VAL D 100 28.53 -24.90 42.07
N THR D 101 27.63 -24.24 41.33
CA THR D 101 28.03 -23.63 40.06
C THR D 101 28.84 -22.36 40.30
N GLU D 102 28.43 -21.55 41.27
CA GLU D 102 29.12 -20.31 41.63
C GLU D 102 29.34 -20.36 43.13
N HIS D 103 30.45 -20.94 43.55
CA HIS D 103 30.73 -21.14 44.97
C HIS D 103 30.77 -19.79 45.69
N GLY D 104 30.07 -19.71 46.82
CA GLY D 104 30.03 -18.50 47.61
C GLY D 104 28.62 -18.08 47.95
N HIS D 105 27.69 -18.25 47.01
CA HIS D 105 26.28 -17.94 47.23
C HIS D 105 25.43 -18.96 46.50
N GLU D 106 24.11 -18.78 46.58
CA GLU D 106 23.14 -19.70 46.00
C GLU D 106 22.42 -19.00 44.86
N ILE D 107 22.29 -19.70 43.73
CA ILE D 107 21.69 -19.14 42.53
C ILE D 107 20.61 -20.07 42.01
N ASN D 108 19.69 -19.50 41.22
CA ASN D 108 18.64 -20.24 40.55
C ASN D 108 19.04 -20.38 39.09
N THR D 109 19.55 -21.56 38.72
CA THR D 109 20.05 -21.78 37.37
C THR D 109 18.94 -22.08 36.36
N LEU D 110 17.72 -22.37 36.81
CA LEU D 110 16.65 -22.70 35.88
C LEU D 110 16.28 -21.50 35.01
N ASN D 111 16.16 -20.32 35.62
CA ASN D 111 15.87 -19.11 34.86
C ASN D 111 17.11 -18.34 34.47
N ARG D 112 18.24 -18.57 35.14
CA ARG D 112 19.47 -17.88 34.80
C ARG D 112 20.07 -18.43 33.52
N PHE D 113 20.06 -19.75 33.35
CA PHE D 113 20.67 -20.41 32.21
C PHE D 113 19.65 -20.88 31.17
N ASN D 114 18.36 -20.67 31.40
CA ASN D 114 17.30 -21.16 30.53
C ASN D 114 17.39 -22.68 30.36
N LEU D 115 17.22 -23.39 31.47
CA LEU D 115 17.40 -24.83 31.50
C LEU D 115 16.10 -25.60 31.41
N TYR D 116 15.07 -25.00 30.81
CA TYR D 116 13.81 -25.70 30.62
C TYR D 116 13.90 -26.93 29.70
N PRO D 117 14.64 -26.90 28.59
CA PRO D 117 14.78 -28.14 27.80
C PRO D 117 15.35 -29.30 28.59
N GLU D 118 16.33 -29.03 29.47
CA GLU D 118 16.87 -30.08 30.31
C GLU D 118 15.81 -30.63 31.26
N VAL D 119 15.00 -29.76 31.84
CA VAL D 119 13.95 -30.19 32.76
C VAL D 119 12.95 -31.08 32.04
N ILE D 120 12.50 -30.65 30.86
CA ILE D 120 11.53 -31.43 30.10
C ILE D 120 12.10 -32.78 29.70
N LEU D 121 13.34 -32.79 29.21
CA LEU D 121 13.94 -34.03 28.76
C LEU D 121 14.15 -35.01 29.91
N ALA D 122 14.57 -34.51 31.08
CA ALA D 122 14.72 -35.39 32.24
C ALA D 122 13.36 -35.92 32.72
N PHE D 123 12.35 -35.05 32.75
CA PHE D 123 11.02 -35.46 33.15
C PHE D 123 10.45 -36.52 32.21
N LEU D 124 10.86 -36.50 30.95
CA LEU D 124 10.44 -37.55 30.03
C LEU D 124 11.32 -38.79 30.10
N TYR D 125 12.60 -38.63 30.44
CA TYR D 125 13.53 -39.75 30.44
C TYR D 125 13.32 -40.66 31.63
N ARG D 126 13.10 -40.10 32.82
CA ARG D 126 12.98 -40.96 34.00
C ARG D 126 11.83 -41.96 33.90
N PRO D 127 10.58 -41.55 33.61
CA PRO D 127 9.52 -42.55 33.46
C PRO D 127 9.77 -43.51 32.32
N PHE D 128 10.45 -43.09 31.27
CA PHE D 128 10.68 -43.98 30.13
C PHE D 128 11.55 -45.17 30.54
N ARG D 129 12.67 -44.91 31.20
CA ARG D 129 13.50 -46.01 31.68
C ARG D 129 12.79 -46.80 32.77
N ALA D 130 12.00 -46.12 33.62
CA ALA D 130 11.28 -46.82 34.67
C ALA D 130 10.29 -47.83 34.08
N PHE D 131 9.56 -47.43 33.04
CA PHE D 131 8.58 -48.31 32.41
C PHE D 131 9.24 -49.37 31.54
N ALA D 132 10.38 -49.05 30.91
CA ALA D 132 11.08 -50.06 30.12
C ALA D 132 11.65 -51.15 31.03
N LYS D 133 12.17 -50.77 32.20
CA LYS D 133 12.76 -51.75 33.10
C LYS D 133 11.70 -52.74 33.60
N SER D 134 10.50 -52.25 33.89
CA SER D 134 9.44 -53.13 34.39
C SER D 134 9.06 -54.18 33.36
N ALA D 135 8.99 -53.80 32.09
CA ALA D 135 8.63 -54.72 31.01
C ALA D 135 9.84 -55.44 30.44
N ASN D 136 11.04 -55.20 30.98
CA ASN D 136 12.28 -55.83 30.54
C ASN D 136 12.61 -55.53 29.08
N TRP D 137 12.12 -54.40 28.56
CA TRP D 137 12.49 -53.98 27.22
C TRP D 137 13.95 -53.55 27.20
N GLN D 138 14.70 -54.03 26.22
CA GLN D 138 16.15 -53.81 26.17
C GLN D 138 16.44 -52.60 25.28
N ILE D 139 16.24 -51.42 25.86
CA ILE D 139 16.44 -50.18 25.10
C ILE D 139 17.92 -49.85 24.97
N GLU D 140 18.77 -50.45 25.78
CA GLU D 140 20.19 -50.13 25.80
C GLU D 140 21.02 -51.39 25.69
N LEU D 141 22.05 -51.35 24.84
CA LEU D 141 22.99 -52.45 24.66
C LEU D 141 24.42 -51.91 24.81
N CYS D 142 25.24 -52.66 25.55
CA CYS D 142 26.58 -52.23 25.90
C CYS D 142 27.61 -53.23 25.37
N TRP D 143 28.73 -52.72 24.90
CA TRP D 143 29.83 -53.56 24.41
C TRP D 143 31.16 -52.93 24.78
N GLN D 144 32.18 -53.77 24.93
CA GLN D 144 33.51 -53.31 25.30
C GLN D 144 34.26 -52.83 24.07
N VAL D 145 34.89 -51.66 24.18
CA VAL D 145 35.72 -51.10 23.11
C VAL D 145 37.14 -50.96 23.63
N ASN D 146 38.10 -51.46 22.87
CA ASN D 146 39.50 -51.48 23.26
C ASN D 146 40.21 -50.34 22.54
N ARG D 147 40.50 -49.27 23.28
CA ARG D 147 41.03 -48.05 22.66
C ARG D 147 42.49 -48.22 22.26
N GLY D 148 43.29 -48.86 23.11
CA GLY D 148 44.70 -49.02 22.83
C GLY D 148 45.56 -49.06 24.08
N GLU D 149 46.57 -48.19 24.14
CA GLU D 149 47.43 -48.15 25.31
C GLU D 149 46.66 -47.73 26.56
N LEU D 150 45.60 -46.95 26.40
CA LEU D 150 44.75 -46.58 27.51
C LEU D 150 43.91 -47.79 27.96
N ARG D 151 43.29 -47.65 29.13
CA ARG D 151 42.44 -48.71 29.64
C ARG D 151 41.21 -48.87 28.75
N PRO D 152 40.82 -50.11 28.43
CA PRO D 152 39.58 -50.31 27.67
C PRO D 152 38.37 -49.84 28.46
N VAL D 153 37.37 -49.32 27.74
CA VAL D 153 36.17 -48.77 28.34
C VAL D 153 34.95 -49.44 27.72
N GLU D 154 33.78 -49.12 28.27
CA GLU D 154 32.52 -49.68 27.83
C GLU D 154 31.72 -48.62 27.07
N SER D 155 31.24 -48.98 25.88
CA SER D 155 30.43 -48.10 25.06
C SER D 155 29.02 -48.66 24.98
N CYS D 156 28.04 -47.85 25.37
CA CYS D 156 26.64 -48.25 25.39
C CYS D 156 25.87 -47.43 24.37
N GLU D 157 25.18 -48.11 23.47
CA GLU D 157 24.45 -47.48 22.37
C GLU D 157 23.00 -47.91 22.40
N GLY D 158 22.10 -46.95 22.30
CA GLY D 158 20.68 -47.23 22.32
C GLY D 158 19.90 -46.05 22.88
N ILE D 159 18.58 -46.12 22.70
CA ILE D 159 17.72 -45.04 23.18
C ILE D 159 17.67 -44.97 24.70
N GLY D 160 18.01 -46.07 25.39
CA GLY D 160 18.05 -46.04 26.84
C GLY D 160 19.23 -45.28 27.41
N ASN D 161 20.27 -45.08 26.62
CA ASN D 161 21.41 -44.29 27.05
C ASN D 161 20.99 -42.83 27.16
N PRO D 162 21.31 -42.14 28.27
CA PRO D 162 20.84 -40.76 28.42
C PRO D 162 21.34 -39.81 27.34
N HIS D 163 22.59 -39.99 26.89
CA HIS D 163 23.13 -39.13 25.85
C HIS D 163 22.33 -39.27 24.57
N TYR D 164 21.99 -40.49 24.17
CA TYR D 164 21.23 -40.69 22.95
C TYR D 164 19.81 -40.20 23.08
N PHE D 165 19.19 -40.32 24.26
CA PHE D 165 17.88 -39.74 24.47
C PHE D 165 17.90 -38.23 24.29
N TYR D 166 18.89 -37.57 24.90
CA TYR D 166 19.03 -36.13 24.78
C TYR D 166 19.26 -35.72 23.33
N ILE D 167 20.16 -36.42 22.63
CA ILE D 167 20.50 -36.07 21.26
C ILE D 167 19.30 -36.31 20.34
N THR D 168 18.56 -37.40 20.57
CA THR D 168 17.37 -37.66 19.75
C THR D 168 16.33 -36.57 19.95
N GLY D 169 16.14 -36.12 21.18
CA GLY D 169 15.23 -34.99 21.40
C GLY D 169 15.67 -33.75 20.64
N VAL D 170 16.96 -33.42 20.75
CA VAL D 170 17.48 -32.22 20.09
C VAL D 170 17.28 -32.31 18.58
N PHE D 171 17.61 -33.47 17.99
CA PHE D 171 17.55 -33.60 16.54
C PHE D 171 16.12 -33.70 16.04
N ILE D 172 15.21 -34.30 16.82
CA ILE D 172 13.80 -34.30 16.45
C ILE D 172 13.27 -32.87 16.42
N VAL D 173 13.63 -32.06 17.41
CA VAL D 173 13.21 -30.66 17.40
C VAL D 173 13.82 -29.93 16.20
N ALA D 174 15.11 -30.16 15.93
CA ALA D 174 15.80 -29.42 14.87
C ALA D 174 15.36 -29.87 13.47
N GLY D 175 14.78 -31.05 13.32
CA GLY D 175 14.36 -31.51 12.01
C GLY D 175 13.22 -30.70 11.40
N THR D 176 12.42 -30.04 12.24
CA THR D 176 11.26 -29.28 11.77
C THR D 176 11.65 -27.98 11.07
N VAL D 177 12.92 -27.59 11.12
CA VAL D 177 13.34 -26.35 10.45
C VAL D 177 13.17 -26.47 8.95
N ALA D 178 13.49 -27.64 8.38
CA ALA D 178 13.29 -27.85 6.95
C ALA D 178 11.81 -27.79 6.58
N SER D 179 10.94 -28.37 7.41
CA SER D 179 9.51 -28.29 7.16
C SER D 179 9.00 -26.86 7.21
N SER D 180 9.45 -26.09 8.20
CA SER D 180 9.05 -24.70 8.30
C SER D 180 9.52 -23.90 7.10
N ILE D 181 10.75 -24.17 6.62
CA ILE D 181 11.26 -23.46 5.45
C ILE D 181 10.46 -23.83 4.20
N PHE D 182 10.08 -25.11 4.07
CA PHE D 182 9.23 -25.52 2.96
C PHE D 182 7.89 -24.80 2.98
N TYR D 183 7.26 -24.73 4.16
CA TYR D 183 5.96 -24.10 4.27
C TYR D 183 6.06 -22.60 3.99
N LEU D 184 7.11 -21.95 4.47
CA LEU D 184 7.33 -20.54 4.15
C LEU D 184 7.57 -20.32 2.66
N GLY D 185 8.30 -21.22 2.00
CA GLY D 185 8.49 -21.10 0.58
C GLY D 185 7.19 -21.26 -0.20
N VAL D 186 6.33 -22.16 0.26
CA VAL D 186 5.04 -22.34 -0.40
C VAL D 186 4.14 -21.13 -0.16
N LEU D 187 4.20 -20.55 1.04
CA LEU D 187 3.28 -19.45 1.39
C LEU D 187 3.58 -18.19 0.60
N VAL D 188 4.86 -17.87 0.38
CA VAL D 188 5.22 -16.63 -0.29
C VAL D 188 5.28 -16.77 -1.80
N SER D 189 4.91 -17.94 -2.34
CA SER D 189 4.92 -18.15 -3.79
C SER D 189 3.65 -18.79 -4.32
N ASP D 190 2.77 -19.29 -3.47
CA ASP D 190 1.50 -19.92 -3.86
C ASP D 190 1.70 -21.18 -4.69
N SER D 191 2.89 -21.77 -4.67
CA SER D 191 3.17 -22.95 -5.46
C SER D 191 4.13 -23.86 -4.71
N ILE D 192 4.11 -25.13 -5.07
CA ILE D 192 5.05 -26.10 -4.51
C ILE D 192 6.46 -25.84 -5.02
N PHE D 193 6.60 -25.21 -6.19
CA PHE D 193 7.92 -24.91 -6.72
C PHE D 193 8.69 -23.96 -5.80
N GLY D 194 7.99 -23.01 -5.18
CA GLY D 194 8.65 -22.13 -4.24
C GLY D 194 9.17 -22.85 -3.01
N GLY D 195 8.36 -23.77 -2.47
CA GLY D 195 8.83 -24.58 -1.35
C GLY D 195 10.01 -25.46 -1.73
N PHE D 196 9.98 -26.03 -2.92
CA PHE D 196 11.11 -26.83 -3.39
C PHE D 196 12.37 -25.98 -3.52
N LEU D 197 12.24 -24.76 -4.07
CA LEU D 197 13.38 -23.86 -4.15
C LEU D 197 13.94 -23.55 -2.77
N SER D 198 13.06 -23.27 -1.81
CA SER D 198 13.52 -22.92 -0.47
C SER D 198 14.25 -24.10 0.19
N VAL D 199 13.68 -25.31 0.10
CA VAL D 199 14.32 -26.45 0.75
C VAL D 199 15.63 -26.82 0.05
N LEU D 200 15.67 -26.69 -1.28
CA LEU D 200 16.92 -26.97 -1.98
C LEU D 200 18.01 -25.97 -1.60
N CYS D 201 17.65 -24.69 -1.50
CA CYS D 201 18.62 -23.69 -1.08
C CYS D 201 19.09 -23.94 0.35
N PHE D 202 18.18 -24.36 1.23
CA PHE D 202 18.56 -24.69 2.61
C PHE D 202 19.50 -25.89 2.66
N ALA D 203 19.22 -26.92 1.87
CA ALA D 203 20.00 -28.15 1.95
C ALA D 203 21.41 -27.96 1.39
N PHE D 204 21.54 -27.22 0.29
CA PHE D 204 22.84 -27.01 -0.32
C PHE D 204 23.69 -26.02 0.45
N ASN D 205 23.10 -25.24 1.36
CA ASN D 205 23.83 -24.30 2.21
C ASN D 205 23.67 -24.66 3.68
N HIS D 206 23.60 -25.96 3.98
CA HIS D 206 23.29 -26.40 5.34
C HIS D 206 24.38 -26.00 6.32
N GLY D 207 25.64 -26.08 5.90
CA GLY D 207 26.73 -25.75 6.81
C GLY D 207 26.75 -24.30 7.23
N GLU D 208 26.39 -23.40 6.33
CA GLU D 208 26.35 -21.97 6.61
C GLU D 208 25.06 -21.53 7.28
N ALA D 209 24.08 -22.42 7.41
CA ALA D 209 22.78 -22.07 7.97
C ALA D 209 22.62 -22.48 9.43
N THR D 210 23.19 -23.62 9.82
CA THR D 210 23.02 -24.13 11.18
C THR D 210 24.26 -24.91 11.59
N ARG D 211 24.40 -25.11 12.90
CA ARG D 211 25.55 -25.87 13.46
C ARG D 211 25.03 -26.90 14.48
N VAL D 212 23.74 -27.24 14.45
CA VAL D 212 23.19 -28.17 15.44
C VAL D 212 23.84 -29.55 15.33
N GLN D 213 24.35 -29.89 14.15
CA GLN D 213 25.00 -31.19 13.98
C GLN D 213 26.29 -31.29 14.79
N TRP D 214 27.00 -30.18 14.95
N TRP D 214 27.02 -30.18 14.92
CA TRP D 214 28.26 -30.19 15.69
CA TRP D 214 28.26 -30.18 15.70
C TRP D 214 28.11 -29.74 17.14
C TRP D 214 28.03 -29.86 17.18
N THR D 215 27.06 -28.99 17.47
CA THR D 215 26.86 -28.48 18.84
C THR D 215 25.41 -28.69 19.27
N PRO D 216 25.03 -29.92 19.61
CA PRO D 216 23.63 -30.20 19.96
C PRO D 216 23.16 -29.42 21.18
N PRO D 217 23.87 -29.46 22.34
CA PRO D 217 23.26 -28.94 23.57
C PRO D 217 23.19 -27.41 23.65
N LEU D 218 23.52 -26.70 22.58
CA LEU D 218 23.42 -25.25 22.59
C LEU D 218 21.97 -24.80 22.65
N ARG D 219 21.76 -23.59 23.18
CA ARG D 219 20.40 -23.11 23.41
C ARG D 219 19.65 -22.87 22.09
N GLU D 220 20.34 -22.31 21.10
CA GLU D 220 19.76 -22.02 19.76
C GLU D 220 19.25 -23.29 19.09
N SER D 221 19.83 -24.45 19.39
CA SER D 221 19.37 -25.72 18.83
C SER D 221 17.94 -26.04 19.26
N PHE D 222 17.55 -25.60 20.46
CA PHE D 222 16.20 -25.80 20.95
C PHE D 222 15.25 -24.68 20.54
N ALA D 223 15.74 -23.43 20.46
CA ALA D 223 14.87 -22.28 20.32
C ALA D 223 14.61 -21.89 18.87
N PHE D 224 15.61 -22.02 17.99
CA PHE D 224 15.42 -21.56 16.61
C PHE D 224 14.29 -22.25 15.87
N PRO D 225 14.07 -23.57 16.00
CA PRO D 225 12.89 -24.17 15.34
C PRO D 225 11.58 -23.50 15.74
N PHE D 226 11.43 -23.14 17.01
CA PHE D 226 10.20 -22.49 17.43
C PHE D 226 10.12 -21.06 16.91
N ILE D 227 11.24 -20.37 16.78
CA ILE D 227 11.24 -19.02 16.21
C ILE D 227 10.80 -19.07 14.75
N ILE D 228 11.35 -20.02 13.98
CA ILE D 228 10.97 -20.11 12.57
C ILE D 228 9.53 -20.60 12.42
N GLY D 229 9.07 -21.48 13.32
CA GLY D 229 7.67 -21.85 13.30
C GLY D 229 6.74 -20.69 13.59
N HIS D 230 7.14 -19.84 14.54
CA HIS D 230 6.37 -18.63 14.82
C HIS D 230 6.32 -17.71 13.61
N ILE D 231 7.46 -17.58 12.92
CA ILE D 231 7.48 -16.76 11.69
C ILE D 231 6.54 -17.35 10.66
N ALA D 232 6.52 -18.68 10.51
CA ALA D 232 5.63 -19.31 9.53
C ALA D 232 4.17 -19.07 9.88
N ILE D 233 3.81 -19.23 11.15
CA ILE D 233 2.42 -19.02 11.56
C ILE D 233 2.02 -17.56 11.38
N LEU D 234 2.93 -16.64 11.69
CA LEU D 234 2.64 -15.22 11.50
C LEU D 234 2.44 -14.90 10.02
N THR D 235 3.26 -15.48 9.14
CA THR D 235 3.07 -15.28 7.71
C THR D 235 1.73 -15.83 7.24
N PHE D 236 1.34 -17.00 7.74
CA PHE D 236 0.03 -17.54 7.41
C PHE D 236 -1.09 -16.63 7.87
N VAL D 237 -0.97 -16.09 9.09
CA VAL D 237 -2.02 -15.21 9.62
C VAL D 237 -2.12 -13.93 8.81
N ILE D 238 -0.99 -13.34 8.44
CA ILE D 238 -1.01 -12.10 7.67
C ILE D 238 -1.56 -12.35 6.27
N LYS D 239 -1.16 -13.47 5.64
CA LYS D 239 -1.55 -13.72 4.26
C LYS D 239 -3.06 -13.86 4.11
N TYR D 240 -3.70 -14.56 5.03
CA TYR D 240 -5.13 -14.84 4.95
C TYR D 240 -5.96 -13.97 5.88
N LYS D 241 -5.35 -13.00 6.56
CA LYS D 241 -6.07 -12.02 7.37
C LYS D 241 -6.92 -12.68 8.44
N LYS D 242 -6.32 -13.63 9.16
CA LYS D 242 -7.02 -14.38 10.18
C LYS D 242 -7.12 -13.57 11.48
N SER D 243 -7.98 -14.03 12.37
CA SER D 243 -8.18 -13.40 13.68
C SER D 243 -8.81 -14.42 14.61
N GLY D 244 -9.10 -13.99 15.84
CA GLY D 244 -9.78 -14.82 16.82
C GLY D 244 -8.82 -15.42 17.84
N HIS D 245 -9.41 -16.13 18.79
CA HIS D 245 -8.64 -16.71 19.88
C HIS D 245 -7.78 -17.88 19.42
N SER D 246 -8.21 -18.60 18.37
CA SER D 246 -7.43 -19.71 17.88
C SER D 246 -6.08 -19.26 17.35
N MET D 247 -6.05 -18.14 16.62
CA MET D 247 -4.79 -17.62 16.13
C MET D 247 -3.89 -17.17 17.27
N ILE D 248 -4.47 -16.59 18.32
CA ILE D 248 -3.69 -16.18 19.48
C ILE D 248 -3.07 -17.41 20.14
N LEU D 249 -3.84 -18.48 20.29
CA LEU D 249 -3.30 -19.71 20.87
C LEU D 249 -2.20 -20.30 20.01
N LEU D 250 -2.39 -20.29 18.69
CA LEU D 250 -1.37 -20.83 17.79
C LEU D 250 -0.07 -20.03 17.87
N LEU D 251 -0.17 -18.70 17.90
CA LEU D 251 1.04 -17.88 17.99
C LEU D 251 1.72 -18.02 19.34
N THR D 252 0.93 -18.13 20.42
CA THR D 252 1.50 -18.26 21.75
C THR D 252 2.20 -19.60 21.92
N SER D 253 1.63 -20.66 21.35
CA SER D 253 2.22 -21.99 21.49
C SER D 253 3.58 -22.10 20.82
N MET D 254 3.94 -21.14 19.96
CA MET D 254 5.29 -21.03 19.42
C MET D 254 6.13 -19.99 20.13
N ALA D 255 5.53 -18.87 20.55
CA ALA D 255 6.32 -17.82 21.18
C ALA D 255 6.80 -18.24 22.57
N VAL D 256 5.94 -18.87 23.36
CA VAL D 256 6.32 -19.22 24.74
C VAL D 256 7.47 -20.21 24.79
N PRO D 257 7.46 -21.33 24.05
CA PRO D 257 8.64 -22.21 24.07
C PRO D 257 9.90 -21.53 23.58
N ALA D 258 9.78 -20.62 22.61
CA ALA D 258 10.96 -19.92 22.12
C ALA D 258 11.49 -18.91 23.14
N LEU D 259 10.61 -18.35 23.97
CA LEU D 259 11.05 -17.40 24.98
C LEU D 259 11.64 -18.11 26.21
N LEU D 260 11.07 -19.26 26.59
CA LEU D 260 11.61 -20.02 27.71
C LEU D 260 13.01 -20.56 27.43
N PHE D 261 13.38 -20.68 26.15
CA PHE D 261 14.69 -21.15 25.73
C PHE D 261 15.45 -19.96 25.17
N TRP D 262 16.77 -19.96 25.30
CA TRP D 262 17.58 -18.91 24.63
C TRP D 262 17.02 -17.52 24.84
N GLN D 263 17.37 -16.89 25.94
CA GLN D 263 16.96 -15.50 26.20
C GLN D 263 17.18 -14.57 25.02
N PHE D 264 18.18 -14.85 24.17
CA PHE D 264 18.40 -14.04 22.98
C PHE D 264 17.18 -13.97 22.08
N THR D 265 16.29 -14.97 22.16
CA THR D 265 15.01 -14.95 21.45
C THR D 265 14.33 -13.59 21.55
N GLN D 266 14.41 -12.97 22.72
CA GLN D 266 13.77 -11.66 22.91
C GLN D 266 14.20 -10.69 21.82
N PHE D 267 15.51 -10.53 21.64
CA PHE D 267 16.01 -9.63 20.61
C PHE D 267 15.47 -10.01 19.24
N ALA D 268 15.43 -11.32 18.94
CA ALA D 268 14.87 -11.75 17.67
C ALA D 268 13.43 -11.30 17.54
N PHE D 269 12.62 -11.50 18.58
CA PHE D 269 11.23 -11.07 18.53
C PHE D 269 11.12 -9.55 18.49
N PHE D 270 12.18 -8.83 18.85
CA PHE D 270 12.22 -7.40 18.60
C PHE D 270 12.26 -7.11 17.11
N THR D 271 13.17 -7.78 16.38
CA THR D 271 13.31 -7.51 14.96
C THR D 271 12.06 -7.90 14.20
N GLN D 272 11.32 -8.90 14.68
CA GLN D 272 10.03 -9.23 14.10
C GLN D 272 9.05 -8.07 14.25
N ILE D 273 8.99 -7.49 15.46
CA ILE D 273 8.03 -6.41 15.72
C ILE D 273 8.34 -5.22 14.83
N CYS D 274 9.61 -4.82 14.76
CA CYS D 274 10.00 -3.74 13.86
C CYS D 274 9.62 -4.04 12.43
N SER D 275 9.64 -5.32 12.03
CA SER D 275 9.16 -5.67 10.70
C SER D 275 7.65 -5.46 10.59
N ILE D 276 6.90 -5.99 11.56
CA ILE D 276 5.43 -5.94 11.48
C ILE D 276 4.97 -4.49 11.40
N PHE D 277 5.53 -3.65 12.27
CA PHE D 277 5.21 -2.22 12.24
C PHE D 277 5.37 -1.64 10.84
N LEU D 278 6.49 -1.93 10.19
CA LEU D 278 6.74 -1.33 8.88
C LEU D 278 5.72 -1.80 7.87
N ALA D 279 5.20 -3.02 8.02
CA ALA D 279 4.10 -3.45 7.17
C ALA D 279 2.81 -2.75 7.55
N PHE D 280 2.53 -2.67 8.86
CA PHE D 280 1.25 -2.11 9.31
C PHE D 280 1.14 -0.63 8.94
N SER D 281 2.25 0.10 9.01
CA SER D 281 2.25 1.51 8.64
C SER D 281 2.03 1.72 7.14
N LEU D 282 2.13 0.67 6.33
CA LEU D 282 1.91 0.79 4.89
C LEU D 282 0.53 0.28 4.47
N ASP D 283 -0.39 0.15 5.42
CA ASP D 283 -1.77 -0.25 5.16
C ASP D 283 -1.86 -1.61 4.48
N LEU D 284 -1.00 -2.53 4.90
CA LEU D 284 -1.01 -3.89 4.37
C LEU D 284 -1.45 -4.92 5.40
N ILE D 285 -1.77 -4.51 6.62
CA ILE D 285 -2.22 -5.41 7.68
C ILE D 285 -3.52 -4.87 8.26
N PRO D 286 -4.63 -5.61 8.18
CA PRO D 286 -5.89 -5.11 8.73
C PRO D 286 -5.82 -4.91 10.24
N PHE D 287 -6.85 -4.25 10.76
CA PHE D 287 -6.86 -3.85 12.17
C PHE D 287 -7.06 -5.05 13.09
N SER D 288 -8.00 -5.93 12.76
CA SER D 288 -8.31 -7.06 13.65
C SER D 288 -7.13 -8.03 13.76
N THR D 289 -6.46 -8.32 12.64
CA THR D 289 -5.31 -9.20 12.70
C THR D 289 -4.12 -8.55 13.41
N ALA D 290 -3.96 -7.24 13.28
CA ALA D 290 -2.92 -6.56 14.05
C ALA D 290 -3.21 -6.65 15.55
N LYS D 291 -4.47 -6.48 15.94
CA LYS D 291 -4.86 -6.66 17.34
C LYS D 291 -4.55 -8.08 17.80
N THR D 292 -4.88 -9.07 16.97
CA THR D 292 -4.61 -10.46 17.33
C THR D 292 -3.12 -10.69 17.55
N VAL D 293 -2.29 -10.16 16.65
CA VAL D 293 -0.84 -10.36 16.76
C VAL D 293 -0.31 -9.72 18.03
N ILE D 294 -0.70 -8.46 18.29
CA ILE D 294 -0.16 -7.77 19.46
C ILE D 294 -0.66 -8.42 20.75
N HIS D 295 -1.90 -8.91 20.75
CA HIS D 295 -2.41 -9.59 21.94
C HIS D 295 -1.68 -10.90 22.18
N SER D 296 -1.38 -11.64 21.12
CA SER D 296 -0.62 -12.88 21.27
C SER D 296 0.76 -12.58 21.83
N HIS D 297 1.41 -11.51 21.34
CA HIS D 297 2.72 -11.14 21.88
C HIS D 297 2.65 -10.76 23.35
N ILE D 298 1.63 -10.00 23.73
CA ILE D 298 1.50 -9.60 25.14
C ILE D 298 1.29 -10.83 26.02
N ILE D 299 0.42 -11.73 25.60
CA ILE D 299 0.13 -12.92 26.40
C ILE D 299 1.37 -13.80 26.51
N SER D 300 2.09 -13.99 25.40
CA SER D 300 3.28 -14.81 25.43
C SER D 300 4.35 -14.21 26.32
N PHE D 301 4.53 -12.88 26.27
CA PHE D 301 5.51 -12.25 27.14
C PHE D 301 5.13 -12.41 28.60
N LEU D 302 3.85 -12.23 28.94
CA LEU D 302 3.44 -12.38 30.33
C LEU D 302 3.65 -13.81 30.82
N ILE D 303 3.29 -14.80 29.99
CA ILE D 303 3.47 -16.19 30.37
C ILE D 303 4.94 -16.52 30.56
N GLY D 304 5.79 -16.05 29.65
CA GLY D 304 7.22 -16.30 29.77
C GLY D 304 7.84 -15.62 30.98
N PHE D 305 7.41 -14.39 31.27
CA PHE D 305 7.92 -13.67 32.44
C PHE D 305 7.50 -14.36 33.73
N LEU D 306 6.28 -14.91 33.77
CA LEU D 306 5.84 -15.60 34.97
C LEU D 306 6.55 -16.94 35.11
N LEU D 307 6.76 -17.65 34.00
CA LEU D 307 7.42 -18.96 34.05
C LEU D 307 8.91 -18.84 34.31
N LEU D 308 9.52 -17.69 34.03
CA LEU D 308 10.92 -17.45 34.31
C LEU D 308 11.13 -16.79 35.68
N PHE D 309 10.15 -16.91 36.57
CA PHE D 309 10.29 -16.52 37.97
C PHE D 309 10.51 -15.02 38.13
N GLY D 310 9.87 -14.23 37.26
CA GLY D 310 9.98 -12.79 37.35
C GLY D 310 11.36 -12.25 37.10
N ASN D 311 12.06 -12.79 36.09
CA ASN D 311 13.43 -12.38 35.81
C ASN D 311 13.45 -10.94 35.32
N GLU D 312 14.14 -10.07 36.05
CA GLU D 312 14.16 -8.65 35.72
C GLU D 312 14.79 -8.40 34.37
N MET D 313 15.74 -9.23 33.96
CA MET D 313 16.43 -9.04 32.69
C MET D 313 15.50 -9.23 31.49
N MET D 314 14.38 -9.94 31.67
CA MET D 314 13.38 -10.00 30.60
C MET D 314 12.75 -8.63 30.37
N ILE D 315 12.48 -7.90 31.44
CA ILE D 315 12.09 -6.49 31.35
C ILE D 315 13.33 -5.73 30.91
N THR D 316 13.16 -4.45 30.56
CA THR D 316 14.21 -3.54 30.09
C THR D 316 15.07 -4.14 28.98
N ALA D 317 14.57 -5.15 28.30
CA ALA D 317 15.14 -5.59 27.04
C ALA D 317 14.53 -4.72 25.93
N LEU D 318 14.77 -5.09 24.68
CA LEU D 318 14.17 -4.37 23.57
C LEU D 318 12.80 -4.91 23.17
N TYR D 319 12.37 -6.02 23.74
CA TYR D 319 11.18 -6.73 23.28
C TYR D 319 9.90 -6.22 23.94
N PHE D 320 9.94 -5.94 25.24
CA PHE D 320 8.77 -5.47 25.99
C PHE D 320 8.41 -4.02 25.66
N PRO D 321 9.37 -3.07 25.67
CA PRO D 321 9.02 -1.72 25.21
C PRO D 321 8.52 -1.69 23.79
N SER D 322 9.06 -2.54 22.92
CA SER D 322 8.55 -2.64 21.55
C SER D 322 7.10 -3.13 21.54
N ILE D 323 6.78 -4.08 22.41
CA ILE D 323 5.40 -4.57 22.51
C ILE D 323 4.47 -3.42 22.89
N LEU D 324 4.85 -2.65 23.91
CA LEU D 324 4.00 -1.53 24.33
C LEU D 324 3.88 -0.49 23.22
N ALA D 325 4.99 -0.17 22.56
CA ALA D 325 4.97 0.85 21.51
C ALA D 325 4.09 0.43 20.35
N LEU D 326 4.24 -0.82 19.89
CA LEU D 326 3.41 -1.30 18.77
C LEU D 326 1.95 -1.39 19.17
N GLY D 327 1.67 -1.77 20.42
CA GLY D 327 0.28 -1.78 20.87
C GLY D 327 -0.35 -0.40 20.83
N MET D 328 0.38 0.60 21.32
CA MET D 328 -0.14 1.96 21.28
C MET D 328 -0.29 2.46 19.84
N ILE D 329 0.67 2.11 18.98
CA ILE D 329 0.58 2.52 17.57
C ILE D 329 -0.66 1.91 16.92
N ILE D 330 -0.91 0.63 17.17
CA ILE D 330 -2.07 -0.03 16.58
C ILE D 330 -3.36 0.56 17.10
N TYR D 331 -3.44 0.82 18.41
CA TYR D 331 -4.70 1.25 19.00
C TYR D 331 -5.03 2.72 18.73
N ILE D 332 -4.07 3.53 18.29
CA ILE D 332 -4.35 4.90 17.86
C ILE D 332 -4.47 5.02 16.36
N SER D 333 -4.40 3.91 15.63
CA SER D 333 -4.49 3.95 14.18
C SER D 333 -5.81 4.51 13.67
N PRO D 334 -6.99 4.09 14.16
CA PRO D 334 -8.25 4.66 13.64
C PRO D 334 -8.39 6.15 13.85
N LEU D 335 -7.72 6.74 14.84
CA LEU D 335 -7.80 8.18 15.04
C LEU D 335 -7.06 8.96 13.97
N LEU D 336 -6.22 8.31 13.17
CA LEU D 336 -5.47 8.96 12.11
C LEU D 336 -5.94 8.53 10.72
N SER D 337 -7.15 7.98 10.62
CA SER D 337 -7.65 7.49 9.34
C SER D 337 -7.90 8.62 8.34
N ASN D 338 -7.99 9.86 8.79
CA ASN D 338 -8.23 10.97 7.89
C ASN D 338 -6.96 11.46 7.20
N LEU D 339 -5.79 10.96 7.59
CA LEU D 339 -4.55 11.41 6.99
C LEU D 339 -4.38 10.81 5.60
N LYS D 340 -4.06 11.68 4.63
CA LYS D 340 -3.91 11.26 3.25
C LYS D 340 -2.47 11.26 2.75
N PHE D 341 -1.59 12.05 3.36
CA PHE D 341 -0.20 12.14 2.94
C PHE D 341 0.58 11.01 3.59
N ARG D 342 0.91 9.99 2.80
CA ARG D 342 1.55 8.80 3.34
C ARG D 342 2.89 9.06 4.01
N PRO D 343 3.81 9.88 3.45
CA PRO D 343 5.07 10.13 4.17
C PRO D 343 4.86 10.71 5.57
N ALA D 344 3.90 11.62 5.73
CA ALA D 344 3.63 12.18 7.05
C ALA D 344 3.13 11.11 8.02
N TYR D 345 2.22 10.25 7.54
CA TYR D 345 1.69 9.18 8.38
C TYR D 345 2.80 8.23 8.82
N VAL D 346 3.62 7.78 7.87
CA VAL D 346 4.69 6.84 8.19
C VAL D 346 5.70 7.48 9.14
N LEU D 347 6.08 8.73 8.88
CA LEU D 347 7.04 9.40 9.74
C LEU D 347 6.50 9.59 11.15
N PHE D 348 5.23 9.99 11.27
CA PHE D 348 4.64 10.19 12.59
C PHE D 348 4.60 8.88 13.37
N LEU D 349 4.18 7.80 12.71
CA LEU D 349 4.15 6.50 13.38
C LEU D 349 5.54 6.04 13.79
N ALA D 350 6.53 6.23 12.90
CA ALA D 350 7.90 5.81 13.22
C ALA D 350 8.46 6.60 14.39
N ILE D 351 8.21 7.91 14.42
CA ILE D 351 8.68 8.72 15.54
C ILE D 351 8.04 8.28 16.85
N ILE D 352 6.73 8.01 16.83
CA ILE D 352 6.07 7.56 18.06
C ILE D 352 6.65 6.23 18.51
N PHE D 353 6.83 5.28 17.59
CA PHE D 353 7.35 3.97 17.93
C PHE D 353 8.74 4.08 18.54
N ALA D 354 9.65 4.79 17.85
CA ALA D 354 11.01 4.92 18.33
C ALA D 354 11.07 5.65 19.67
N SER D 355 10.30 6.73 19.81
CA SER D 355 10.31 7.49 21.05
C SER D 355 9.84 6.63 22.22
N ILE D 356 8.75 5.89 22.03
CA ILE D 356 8.24 5.07 23.13
C ILE D 356 9.24 3.99 23.49
N THR D 357 9.78 3.28 22.50
CA THR D 357 10.68 2.18 22.82
C THR D 357 11.96 2.68 23.49
N LEU D 358 12.52 3.79 22.99
CA LEU D 358 13.74 4.33 23.59
C LEU D 358 13.49 4.87 25.00
N GLY D 359 12.38 5.60 25.19
CA GLY D 359 12.09 6.13 26.51
C GLY D 359 11.84 5.05 27.53
N LEU D 360 11.11 3.99 27.13
CA LEU D 360 10.84 2.91 28.07
C LEU D 360 12.11 2.12 28.38
N LYS D 361 12.97 1.90 27.38
CA LYS D 361 14.20 1.17 27.65
C LYS D 361 15.13 1.98 28.55
N ILE D 362 15.35 3.25 28.22
CA ILE D 362 16.24 4.09 29.03
C ILE D 362 15.60 4.41 30.37
N GLY D 363 14.27 4.55 30.40
CA GLY D 363 13.58 4.95 31.62
C GLY D 363 13.47 3.86 32.67
N LEU D 364 13.83 2.62 32.34
CA LEU D 364 13.82 1.53 33.29
C LEU D 364 15.19 0.96 33.60
N SER D 365 16.11 0.97 32.63
CA SER D 365 17.47 0.49 32.89
C SER D 365 18.31 1.55 33.60
N LYS D 366 18.48 2.70 32.96
CA LYS D 366 19.24 3.78 33.58
C LYS D 366 18.41 4.52 34.63
N GLY D 367 17.10 4.61 34.42
CA GLY D 367 16.26 5.32 35.38
C GLY D 367 16.14 4.62 36.72
N LEU D 368 15.90 3.31 36.71
CA LEU D 368 15.63 2.58 37.94
C LEU D 368 16.64 1.47 38.23
N GLY D 369 17.58 1.20 37.34
CA GLY D 369 18.59 0.18 37.59
C GLY D 369 18.05 -1.23 37.66
N ILE D 370 17.15 -1.59 36.76
CA ILE D 370 16.58 -2.96 36.75
C ILE D 370 17.51 -3.80 35.87
N GLU D 371 18.62 -4.25 36.47
CA GLU D 371 19.67 -5.01 35.79
C GLU D 371 19.85 -4.59 34.33
N ASP D 372 19.84 -5.58 33.44
CA ASP D 372 19.89 -5.56 31.97
C ASP D 372 21.14 -6.28 31.46
N ASP D 373 21.07 -6.79 30.23
CA ASP D 373 22.18 -7.50 29.59
C ASP D 373 22.57 -6.70 28.35
N ALA D 374 23.55 -5.81 28.51
CA ALA D 374 23.98 -4.91 27.45
C ALA D 374 25.23 -5.40 26.75
N HIS D 375 25.40 -6.72 26.60
CA HIS D 375 26.59 -7.23 25.94
C HIS D 375 26.53 -7.02 24.44
N ILE D 376 25.33 -7.06 23.86
CA ILE D 376 25.17 -6.79 22.44
C ILE D 376 25.57 -5.36 22.11
N PHE D 377 25.08 -4.41 22.91
CA PHE D 377 25.39 -3.00 22.67
C PHE D 377 26.87 -2.72 22.86
N ASP D 378 27.50 -3.38 23.83
CA ASP D 378 28.92 -3.14 24.08
C ASP D 378 29.78 -3.73 22.96
N ILE D 379 29.39 -4.90 22.44
CA ILE D 379 30.12 -5.49 21.33
C ILE D 379 30.01 -4.62 20.08
N LEU D 380 28.82 -4.07 19.84
CA LEU D 380 28.64 -3.20 18.68
C LEU D 380 29.36 -1.87 18.85
N ARG D 381 29.49 -1.38 20.08
CA ARG D 381 30.22 -0.14 20.31
C ARG D 381 31.71 -0.31 20.08
N SER D 382 32.26 -1.48 20.42
CA SER D 382 33.68 -1.72 20.23
C SER D 382 34.07 -1.86 18.77
N LYS D 383 33.10 -2.18 17.90
CA LYS D 383 33.42 -2.36 16.48
C LYS D 383 33.45 -1.04 15.73
N PHE D 384 32.73 -0.03 16.20
CA PHE D 384 32.64 1.27 15.52
C PHE D 384 33.47 2.34 16.21
N THR D 385 33.47 2.39 17.53
CA THR D 385 34.26 3.34 18.30
C THR D 385 35.56 2.67 18.77
N SER D 386 36.29 3.36 19.65
CA SER D 386 37.53 2.84 20.21
C SER D 386 37.35 2.25 21.60
N PHE D 387 36.11 1.90 21.97
CA PHE D 387 35.84 1.24 23.23
C PHE D 387 36.47 -0.15 23.24
N ALA D 388 37.36 -0.42 24.19
CA ALA D 388 38.11 -1.66 24.19
C ALA D 388 37.55 -2.68 25.18
N ASN D 389 37.60 -2.37 26.47
CA ASN D 389 37.09 -3.23 27.55
C ASN D 389 37.77 -4.60 27.61
N PHE D 390 37.77 -5.22 28.79
CA PHE D 390 38.24 -6.60 28.90
C PHE D 390 37.21 -7.58 28.37
N HIS D 391 35.93 -7.35 28.68
CA HIS D 391 34.89 -8.30 28.33
C HIS D 391 34.60 -8.29 26.84
N THR D 392 34.48 -7.10 26.25
CA THR D 392 34.28 -7.03 24.81
C THR D 392 35.49 -7.58 24.06
N ARG D 393 36.68 -7.46 24.66
CA ARG D 393 37.87 -8.05 24.06
C ARG D 393 37.81 -9.58 24.12
N LEU D 394 37.25 -10.13 25.20
CA LEU D 394 36.98 -11.56 25.22
C LEU D 394 35.99 -11.94 24.13
N TYR D 395 34.97 -11.11 23.91
CA TYR D 395 33.93 -11.42 22.94
C TYR D 395 34.46 -11.34 21.51
N THR D 396 35.17 -10.26 21.17
CA THR D 396 35.47 -9.93 19.78
C THR D 396 36.85 -10.40 19.32
N CYS D 397 37.48 -11.31 20.05
CA CYS D 397 38.71 -11.94 19.58
C CYS D 397 38.53 -13.44 19.32
N SER D 398 37.29 -13.92 19.27
CA SER D 398 37.01 -15.35 19.12
C SER D 398 36.54 -15.72 17.73
N ALA D 399 36.19 -14.74 16.89
CA ALA D 399 35.77 -14.84 15.50
C ALA D 399 34.33 -15.35 15.34
N GLU D 400 33.61 -15.68 16.41
CA GLU D 400 32.16 -15.99 16.25
C GLU D 400 31.36 -14.78 16.72
N PHE D 401 32.05 -13.67 17.01
CA PHE D 401 31.39 -12.41 17.43
C PHE D 401 32.04 -11.27 16.65
N ASP D 402 32.95 -11.60 15.74
CA ASP D 402 33.56 -10.61 14.86
C ASP D 402 32.73 -10.46 13.59
N PHE D 403 33.20 -9.63 12.67
CA PHE D 403 32.51 -9.45 11.40
C PHE D 403 32.47 -10.76 10.62
N ILE D 404 31.48 -10.89 9.75
CA ILE D 404 31.39 -12.08 8.91
C ILE D 404 32.58 -12.12 7.95
N GLN D 405 32.97 -13.31 7.57
CA GLN D 405 34.12 -13.51 6.70
C GLN D 405 33.71 -13.46 5.24
N TYR D 406 34.66 -13.06 4.39
CA TYR D 406 34.39 -13.01 2.96
C TYR D 406 34.25 -14.40 2.36
N SER D 407 34.88 -15.41 2.99
CA SER D 407 34.76 -16.77 2.49
C SER D 407 33.32 -17.26 2.57
N THR D 408 32.59 -16.87 3.62
CA THR D 408 31.20 -17.24 3.73
C THR D 408 30.36 -16.63 2.61
N ILE D 409 30.61 -15.35 2.29
CA ILE D 409 29.90 -14.71 1.20
C ILE D 409 30.23 -15.39 -0.12
N GLU D 410 31.50 -15.79 -0.30
CA GLU D 410 31.87 -16.51 -1.51
C GLU D 410 31.16 -17.86 -1.60
N LYS D 411 31.05 -18.57 -0.47
CA LYS D 411 30.35 -19.84 -0.47
C LYS D 411 28.87 -19.65 -0.80
N LEU D 412 28.25 -18.60 -0.26
CA LEU D 412 26.83 -18.36 -0.52
C LEU D 412 26.58 -17.93 -1.96
N CYS D 413 27.50 -17.15 -2.55
CA CYS D 413 27.35 -16.76 -3.94
C CYS D 413 27.66 -17.91 -4.89
N GLY D 414 28.54 -18.82 -4.49
CA GLY D 414 28.91 -19.93 -5.36
C GLY D 414 27.76 -20.88 -5.63
N THR D 415 26.91 -21.10 -4.64
CA THR D 415 25.73 -21.94 -4.79
C THR D 415 24.56 -21.21 -5.45
N LEU D 416 24.76 -19.94 -5.81
CA LEU D 416 23.72 -19.11 -6.46
C LEU D 416 22.52 -18.92 -5.54
N LEU D 417 22.79 -18.74 -4.25
CA LEU D 417 21.75 -18.38 -3.29
C LEU D 417 21.57 -16.87 -3.20
N ILE D 418 22.67 -16.14 -3.04
CA ILE D 418 22.59 -14.68 -2.98
C ILE D 418 22.09 -14.07 -4.29
N PRO D 419 22.59 -14.46 -5.47
CA PRO D 419 22.02 -13.90 -6.71
C PRO D 419 20.52 -14.13 -6.85
N LEU D 420 20.04 -15.32 -6.49
CA LEU D 420 18.60 -15.58 -6.57
C LEU D 420 17.82 -14.67 -5.62
N ALA D 421 18.32 -14.51 -4.40
CA ALA D 421 17.64 -13.64 -3.44
C ALA D 421 17.63 -12.20 -3.92
N LEU D 422 18.75 -11.73 -4.49
CA LEU D 422 18.81 -10.36 -4.99
C LEU D 422 17.84 -10.16 -6.15
N ILE D 423 17.77 -11.12 -7.07
CA ILE D 423 16.84 -11.00 -8.19
C ILE D 423 15.39 -10.97 -7.68
N SER D 424 15.07 -11.86 -6.74
CA SER D 424 13.72 -11.89 -6.20
C SER D 424 13.37 -10.58 -5.49
N LEU D 425 14.32 -10.04 -4.72
CA LEU D 425 14.07 -8.80 -4.00
C LEU D 425 13.89 -7.63 -4.96
N VAL D 426 14.69 -7.58 -6.03
CA VAL D 426 14.53 -6.52 -7.03
C VAL D 426 13.18 -6.63 -7.71
N THR D 427 12.77 -7.85 -8.07
CA THR D 427 11.47 -8.03 -8.71
C THR D 427 10.33 -7.60 -7.77
N PHE D 428 10.41 -7.97 -6.50
CA PHE D 428 9.38 -7.57 -5.55
C PHE D 428 9.34 -6.06 -5.38
N VAL D 429 10.51 -5.41 -5.30
CA VAL D 429 10.54 -3.96 -5.12
C VAL D 429 9.94 -3.28 -6.33
N PHE D 430 10.28 -3.75 -7.53
CA PHE D 430 9.74 -3.16 -8.75
C PHE D 430 8.22 -3.30 -8.80
N ASN D 431 7.71 -4.49 -8.49
CA ASN D 431 6.26 -4.70 -8.51
C ASN D 431 5.58 -3.83 -7.45
N PHE D 432 6.16 -3.75 -6.26
CA PHE D 432 5.57 -2.95 -5.18
C PHE D 432 5.53 -1.46 -5.57
N VAL D 433 6.59 -0.97 -6.20
CA VAL D 433 6.60 0.42 -6.64
C VAL D 433 5.54 0.64 -7.72
N LYS D 434 5.45 -0.27 -8.69
CA LYS D 434 4.50 -0.09 -9.78
C LYS D 434 3.05 -0.31 -9.36
N ASN D 435 2.79 -0.95 -8.23
CA ASN D 435 1.43 -1.28 -7.82
C ASN D 435 0.89 -0.42 -6.68
N THR D 436 1.73 0.32 -5.98
CA THR D 436 1.34 1.04 -4.78
C THR D 436 1.52 2.53 -4.98
N ASN D 437 0.50 3.31 -4.61
CA ASN D 437 0.59 4.76 -4.64
C ASN D 437 1.46 5.21 -3.47
N LEU D 438 2.62 5.80 -3.79
CA LEU D 438 3.63 6.06 -2.77
C LEU D 438 3.28 7.24 -1.87
N LEU D 439 2.69 8.30 -2.41
CA LEU D 439 2.52 9.53 -1.65
C LEU D 439 1.14 9.71 -1.03
N TRP D 440 0.12 8.99 -1.51
CA TRP D 440 -1.23 9.17 -1.02
C TRP D 440 -1.79 7.84 -0.57
N ARG D 441 -2.36 7.81 0.63
CA ARG D 441 -2.88 6.59 1.24
C ARG D 441 -4.40 6.68 1.39
N ASN D 442 -5.05 5.54 1.25
CA ASN D 442 -6.47 5.40 1.54
C ASN D 442 -6.61 4.46 2.73
N SER D 443 -7.14 4.97 3.83
CA SER D 443 -7.18 4.24 5.09
C SER D 443 -8.21 3.12 5.11
N GLU D 444 -8.85 2.73 4.01
CA GLU D 444 -9.82 1.65 4.04
C GLU D 444 -9.50 0.53 3.06
N GLU D 445 -8.38 0.61 2.35
CA GLU D 445 -7.98 -0.42 1.40
C GLU D 445 -6.70 -1.08 1.88
N ILE D 446 -6.71 -2.41 1.95
CA ILE D 446 -5.53 -3.20 2.27
C ILE D 446 -4.77 -3.45 0.96
N GLY D 447 -3.49 -3.11 0.95
CA GLY D 447 -2.71 -3.06 -0.27
C GLY D 447 -2.16 -4.36 -0.79
N GLU D 448 -2.42 -5.49 -0.11
CA GLU D 448 -2.03 -6.83 -0.57
C GLU D 448 -0.52 -7.05 -0.50
N ASN D 449 -0.12 -8.32 -0.37
CA ASN D 449 1.29 -8.73 -0.32
C ASN D 449 1.99 -8.22 0.94
N GLY D 450 1.28 -8.24 2.07
CA GLY D 450 1.89 -7.84 3.32
C GLY D 450 2.86 -8.85 3.88
N GLU D 451 2.56 -10.14 3.67
CA GLU D 451 3.46 -11.19 4.17
C GLU D 451 4.81 -11.14 3.46
N ILE D 452 4.82 -10.87 2.16
CA ILE D 452 6.06 -10.80 1.41
C ILE D 452 6.91 -9.63 1.91
N LEU D 453 6.28 -8.47 2.11
CA LEU D 453 7.02 -7.31 2.62
C LEU D 453 7.55 -7.57 4.03
N TYR D 454 6.75 -8.20 4.88
CA TYR D 454 7.21 -8.51 6.22
C TYR D 454 8.42 -9.43 6.17
N ASN D 455 8.38 -10.44 5.31
CA ASN D 455 9.52 -11.36 5.19
C ASN D 455 10.74 -10.65 4.61
N VAL D 456 10.54 -9.71 3.69
CA VAL D 456 11.67 -8.99 3.10
C VAL D 456 12.34 -8.09 4.14
N VAL D 457 11.54 -7.38 4.94
CA VAL D 457 12.11 -6.53 5.98
C VAL D 457 12.80 -7.37 7.05
N GLN D 458 12.21 -8.51 7.39
CA GLN D 458 12.86 -9.42 8.33
C GLN D 458 14.19 -9.93 7.78
N LEU D 459 14.24 -10.22 6.48
CA LEU D 459 15.51 -10.62 5.86
C LEU D 459 16.53 -9.50 5.94
N CYS D 460 16.11 -8.26 5.69
CA CYS D 460 17.04 -7.14 5.78
C CYS D 460 17.61 -7.00 7.20
N CYS D 461 16.74 -7.11 8.20
CA CYS D 461 17.21 -7.03 9.59
C CYS D 461 18.18 -8.16 9.91
N SER D 462 17.84 -9.39 9.49
CA SER D 462 18.71 -10.53 9.76
C SER D 462 20.04 -10.40 9.03
N THR D 463 20.02 -9.85 7.81
CA THR D 463 21.26 -9.66 7.06
C THR D 463 22.17 -8.65 7.76
N VAL D 464 21.60 -7.55 8.25
CA VAL D 464 22.40 -6.59 9.00
C VAL D 464 22.98 -7.23 10.25
N MET D 465 22.15 -7.99 10.98
CA MET D 465 22.61 -8.67 12.19
C MET D 465 23.76 -9.62 11.89
N ALA D 466 23.64 -10.41 10.83
CA ALA D 466 24.66 -11.40 10.51
C ALA D 466 25.93 -10.74 9.98
N PHE D 467 25.81 -9.63 9.25
CA PHE D 467 26.99 -8.95 8.76
C PHE D 467 27.75 -8.29 9.91
N LEU D 468 27.03 -7.70 10.87
CA LEU D 468 27.71 -7.08 12.00
C LEU D 468 28.36 -8.14 12.90
N ILE D 469 27.59 -9.14 13.29
CA ILE D 469 28.11 -10.22 14.19
C ILE D 469 27.93 -11.56 13.48
N MET D 470 29.02 -12.25 13.19
CA MET D 470 28.92 -13.61 12.60
C MET D 470 28.32 -14.49 13.68
N ARG D 471 27.63 -15.59 13.35
CA ARG D 471 26.87 -16.50 14.29
C ARG D 471 25.42 -16.04 14.33
N LEU D 472 25.13 -14.87 13.76
CA LEU D 472 23.72 -14.41 13.60
C LEU D 472 23.33 -14.82 12.18
N LYS D 473 24.21 -15.53 11.47
CA LYS D 473 23.91 -16.12 10.14
C LYS D 473 22.78 -17.11 10.35
N LEU D 474 22.76 -17.84 11.47
CA LEU D 474 21.61 -18.71 11.83
C LEU D 474 20.28 -18.09 11.37
N PHE D 475 20.11 -16.75 11.43
CA PHE D 475 18.89 -16.07 11.03
C PHE D 475 18.90 -15.66 9.57
N MET D 476 20.07 -15.27 9.04
CA MET D 476 20.14 -14.70 7.70
C MET D 476 19.91 -15.76 6.63
N THR D 477 20.59 -16.91 6.75
CA THR D 477 20.57 -17.89 5.66
C THR D 477 19.19 -18.47 5.39
N PRO D 478 18.42 -18.94 6.38
CA PRO D 478 17.06 -19.43 6.06
C PRO D 478 16.17 -18.37 5.46
N HIS D 479 16.31 -17.10 5.85
CA HIS D 479 15.51 -16.06 5.22
C HIS D 479 15.95 -15.78 3.79
N LEU D 480 17.24 -15.95 3.50
CA LEU D 480 17.67 -15.92 2.10
C LEU D 480 17.00 -17.03 1.31
N CYS D 481 16.94 -18.23 1.90
CA CYS D 481 16.25 -19.33 1.22
C CYS D 481 14.78 -19.03 1.01
N ILE D 482 14.14 -18.39 1.99
CA ILE D 482 12.73 -18.06 1.87
C ILE D 482 12.50 -17.03 0.77
N VAL D 483 13.30 -15.96 0.76
CA VAL D 483 13.15 -14.91 -0.25
C VAL D 483 13.49 -15.44 -1.64
N ALA D 484 14.39 -16.41 -1.74
CA ALA D 484 14.68 -17.02 -3.03
C ALA D 484 13.46 -17.68 -3.65
N ALA D 485 12.49 -18.08 -2.84
CA ALA D 485 11.28 -18.72 -3.34
C ALA D 485 10.35 -17.75 -4.06
N LEU D 486 10.61 -16.45 -4.00
CA LEU D 486 9.78 -15.48 -4.71
C LEU D 486 9.91 -15.62 -6.21
N PHE D 487 10.94 -16.32 -6.69
CA PHE D 487 11.08 -16.54 -8.13
C PHE D 487 9.93 -17.37 -8.69
N ALA D 488 9.28 -18.17 -7.86
CA ALA D 488 8.19 -19.03 -8.28
C ALA D 488 6.83 -18.36 -8.19
N ASN D 489 6.76 -17.11 -7.77
CA ASN D 489 5.49 -16.40 -7.68
C ASN D 489 5.08 -15.93 -9.07
N SER D 490 3.89 -16.33 -9.50
CA SER D 490 3.44 -16.02 -10.87
C SER D 490 3.13 -14.53 -11.02
N LYS D 491 2.49 -13.93 -10.01
CA LYS D 491 2.11 -12.52 -10.12
C LYS D 491 3.33 -11.62 -10.21
N LEU D 492 4.37 -11.91 -9.43
CA LEU D 492 5.54 -11.04 -9.39
C LEU D 492 6.29 -11.04 -10.73
N LEU D 493 6.23 -12.15 -11.45
CA LEU D 493 7.15 -12.35 -12.57
C LEU D 493 6.38 -12.53 -13.88
N GLY D 494 5.40 -11.65 -14.13
CA GLY D 494 4.75 -11.53 -15.42
C GLY D 494 3.30 -11.96 -15.45
N GLY D 495 2.86 -12.75 -14.47
CA GLY D 495 1.50 -13.24 -14.48
C GLY D 495 1.25 -14.24 -15.58
N ASP D 496 0.38 -13.90 -16.53
CA ASP D 496 0.08 -14.77 -17.67
C ASP D 496 0.85 -14.34 -18.92
N ARG D 497 1.76 -13.37 -18.81
CA ARG D 497 2.58 -13.00 -19.95
C ARG D 497 3.67 -14.01 -20.24
N ILE D 498 3.97 -14.90 -19.30
CA ILE D 498 5.06 -15.86 -19.45
C ILE D 498 4.44 -17.25 -19.64
N SER D 499 3.18 -17.27 -20.05
CA SER D 499 2.43 -18.50 -20.33
C SER D 499 2.48 -19.41 -19.09
N LYS D 500 2.33 -20.72 -19.30
CA LYS D 500 2.42 -21.68 -18.20
C LYS D 500 3.47 -22.73 -18.51
N THR D 501 3.54 -23.16 -19.77
CA THR D 501 4.58 -24.11 -20.18
C THR D 501 5.96 -23.50 -20.02
N ILE D 502 6.10 -22.22 -20.37
CA ILE D 502 7.38 -21.55 -20.23
C ILE D 502 7.76 -21.41 -18.76
N ARG D 503 6.79 -21.07 -17.91
CA ARG D 503 7.07 -20.88 -16.49
C ARG D 503 7.56 -22.17 -15.84
N VAL D 504 6.92 -23.30 -16.15
CA VAL D 504 7.36 -24.58 -15.61
C VAL D 504 8.70 -24.96 -16.20
N SER D 505 8.91 -24.67 -17.49
CA SER D 505 10.19 -24.98 -18.13
C SER D 505 11.34 -24.21 -17.49
N ALA D 506 11.12 -22.92 -17.20
CA ALA D 506 12.18 -22.12 -16.59
C ALA D 506 12.40 -22.50 -15.13
N LEU D 507 11.33 -22.91 -14.44
CA LEU D 507 11.47 -23.24 -13.03
C LEU D 507 12.21 -24.55 -12.79
N VAL D 508 12.10 -25.52 -13.70
CA VAL D 508 12.90 -26.73 -13.58
C VAL D 508 14.34 -26.50 -14.02
N GLY D 509 14.59 -25.50 -14.87
CA GLY D 509 15.94 -25.13 -15.23
C GLY D 509 16.70 -24.55 -14.06
N VAL D 510 16.02 -23.71 -13.27
CA VAL D 510 16.65 -23.15 -12.07
C VAL D 510 17.02 -24.25 -11.10
N ILE D 511 16.11 -25.22 -10.91
CA ILE D 511 16.38 -26.34 -10.01
C ILE D 511 17.53 -27.18 -10.55
N ALA D 512 17.57 -27.41 -11.86
CA ALA D 512 18.66 -28.19 -12.45
C ALA D 512 20.00 -27.50 -12.28
N ILE D 513 20.03 -26.17 -12.43
CA ILE D 513 21.27 -25.43 -12.22
C ILE D 513 21.68 -25.47 -10.75
N LEU D 514 20.69 -25.39 -9.84
CA LEU D 514 21.01 -25.45 -8.42
C LEU D 514 21.60 -26.79 -8.02
N PHE D 515 21.06 -27.88 -8.57
CA PHE D 515 21.63 -29.21 -8.30
C PHE D 515 23.06 -29.31 -8.79
N TYR D 516 23.37 -28.70 -9.93
CA TYR D 516 24.73 -28.75 -10.48
C TYR D 516 25.74 -28.07 -9.57
N ARG D 517 25.32 -27.10 -8.77
CA ARG D 517 26.23 -26.38 -7.88
C ARG D 517 25.93 -26.62 -6.40
N GLY D 518 25.10 -27.61 -6.08
CA GLY D 518 24.80 -27.92 -4.70
C GLY D 518 25.23 -29.31 -4.29
N ILE D 519 25.27 -30.23 -5.26
CA ILE D 519 25.73 -31.59 -4.97
C ILE D 519 27.17 -31.62 -4.48
N PRO D 520 28.12 -30.90 -5.08
CA PRO D 520 29.48 -30.88 -4.51
C PRO D 520 29.52 -30.40 -3.06
N ASN D 521 28.70 -29.42 -2.70
CA ASN D 521 28.71 -28.93 -1.34
C ASN D 521 28.28 -30.01 -0.35
N ILE D 522 27.19 -30.71 -0.65
CA ILE D 522 26.71 -31.75 0.25
C ILE D 522 27.68 -32.93 0.26
N ARG D 523 28.32 -33.23 -0.88
CA ARG D 523 29.33 -34.29 -0.90
C ARG D 523 30.50 -33.94 0.00
N GLN D 524 30.99 -32.70 -0.07
CA GLN D 524 32.05 -32.26 0.81
C GLN D 524 31.61 -32.32 2.28
N GLN D 525 30.39 -31.89 2.56
CA GLN D 525 29.90 -31.89 3.94
C GLN D 525 29.74 -33.31 4.47
N LEU D 526 29.52 -34.29 3.59
CA LEU D 526 29.41 -35.68 4.01
C LEU D 526 30.75 -36.41 4.03
N ASN D 527 31.79 -35.88 3.38
CA ASN D 527 33.11 -36.51 3.41
C ASN D 527 34.08 -35.80 4.36
N VAL D 528 33.60 -35.30 5.49
CA VAL D 528 34.45 -34.71 6.53
C VAL D 528 34.33 -35.58 7.78
N LYS D 529 35.45 -36.10 8.25
CA LYS D 529 35.51 -36.90 9.47
C LYS D 529 36.35 -36.17 10.50
N GLY D 530 35.81 -36.02 11.71
CA GLY D 530 36.48 -35.27 12.75
C GLY D 530 37.47 -36.10 13.55
N GLU D 531 38.14 -35.43 14.48
CA GLU D 531 39.11 -36.05 15.36
C GLU D 531 38.58 -36.07 16.78
N TYR D 532 38.91 -37.12 17.53
CA TYR D 532 38.29 -37.37 18.82
C TYR D 532 39.27 -37.88 19.87
N SER D 533 40.52 -37.46 19.80
CA SER D 533 41.51 -38.04 20.71
C SER D 533 41.41 -37.47 22.12
N ASN D 534 41.72 -36.18 22.28
CA ASN D 534 41.73 -35.45 23.54
C ASN D 534 42.18 -36.31 24.72
N PRO D 535 43.42 -36.82 24.75
CA PRO D 535 43.81 -37.74 25.82
C PRO D 535 44.32 -37.04 27.08
N ASP D 536 44.76 -35.78 26.95
CA ASP D 536 45.34 -35.08 28.09
C ASP D 536 44.27 -34.74 29.14
N GLN D 537 43.12 -34.25 28.69
CA GLN D 537 42.06 -33.88 29.62
C GLN D 537 41.54 -35.09 30.39
N GLU D 538 41.56 -36.26 29.78
CA GLU D 538 41.16 -37.48 30.50
C GLU D 538 42.11 -37.77 31.65
N MET D 539 43.42 -37.64 31.42
CA MET D 539 44.39 -37.85 32.49
C MET D 539 44.23 -36.79 33.58
N LEU D 540 44.00 -35.54 33.18
CA LEU D 540 43.78 -34.48 34.16
C LEU D 540 42.57 -34.77 35.04
N PHE D 541 41.48 -35.21 34.43
CA PHE D 541 40.26 -35.49 35.19
C PHE D 541 40.43 -36.72 36.08
N ASP D 542 41.19 -37.71 35.61
CA ASP D 542 41.50 -38.86 36.46
C ASP D 542 42.27 -38.44 37.70
N TRP D 543 43.29 -37.59 37.50
CA TRP D 543 44.06 -37.09 38.64
C TRP D 543 43.19 -36.27 39.58
N ILE D 544 42.27 -35.48 39.02
CA ILE D 544 41.36 -34.69 39.87
C ILE D 544 40.48 -35.61 40.70
N GLN D 545 39.94 -36.67 40.08
CA GLN D 545 39.06 -37.58 40.81
C GLN D 545 39.81 -38.34 41.90
N HIS D 546 41.09 -38.65 41.70
CA HIS D 546 41.79 -39.43 42.71
C HIS D 546 42.50 -38.61 43.77
N ASN D 547 43.06 -37.45 43.43
CA ASN D 547 43.92 -36.73 44.37
C ASN D 547 43.26 -35.53 45.02
N THR D 548 41.97 -35.28 44.77
CA THR D 548 41.26 -34.17 45.39
C THR D 548 40.00 -34.69 46.05
N LYS D 549 39.55 -33.98 47.08
CA LYS D 549 38.36 -34.38 47.80
C LYS D 549 37.11 -33.84 47.09
N GLN D 550 35.95 -34.38 47.51
CA GLN D 550 34.70 -34.12 46.79
C GLN D 550 34.33 -32.65 46.80
N ASP D 551 34.64 -31.93 47.88
CA ASP D 551 34.21 -30.54 48.01
C ASP D 551 35.33 -29.55 47.75
N ALA D 552 36.38 -29.97 47.04
CA ALA D 552 37.43 -29.03 46.66
C ALA D 552 36.90 -28.05 45.62
N VAL D 553 37.30 -26.78 45.77
CA VAL D 553 36.82 -25.70 44.91
C VAL D 553 37.87 -25.43 43.84
N PHE D 554 37.45 -25.39 42.58
CA PHE D 554 38.35 -25.22 41.45
C PHE D 554 38.08 -23.89 40.75
N ALA D 555 39.14 -23.28 40.25
CA ALA D 555 39.05 -22.05 39.46
C ALA D 555 39.96 -22.19 38.25
N GLY D 556 39.69 -21.42 37.22
CA GLY D 556 40.48 -21.47 36.01
C GLY D 556 39.72 -20.86 34.84
N THR D 557 40.19 -21.18 33.64
CA THR D 557 39.52 -20.72 32.44
C THR D 557 38.13 -21.36 32.34
N MET D 558 37.17 -20.58 31.85
CA MET D 558 35.79 -21.06 31.81
C MET D 558 35.57 -22.34 31.00
N PRO D 559 36.18 -22.53 29.81
CA PRO D 559 35.96 -23.82 29.12
C PRO D 559 36.40 -25.02 29.93
N VAL D 560 37.50 -24.90 30.67
CA VAL D 560 37.95 -26.00 31.52
C VAL D 560 37.01 -26.18 32.70
N MET D 561 36.52 -25.08 33.28
CA MET D 561 35.66 -25.17 34.45
C MET D 561 34.33 -25.84 34.12
N ALA D 562 33.81 -25.66 32.91
CA ALA D 562 32.50 -26.26 32.63
C ALA D 562 32.63 -27.78 32.52
N ASN D 563 33.75 -28.28 32.00
CA ASN D 563 33.96 -29.73 31.97
C ASN D 563 34.39 -30.27 33.32
N VAL D 564 35.09 -29.47 34.14
CA VAL D 564 35.41 -29.89 35.49
C VAL D 564 34.14 -30.04 36.32
N LYS D 565 33.15 -29.17 36.08
CA LYS D 565 31.87 -29.36 36.76
C LYS D 565 31.11 -30.56 36.20
N LEU D 566 31.07 -30.70 34.87
CA LEU D 566 30.28 -31.76 34.26
C LEU D 566 30.75 -33.13 34.71
N THR D 567 32.05 -33.39 34.62
CA THR D 567 32.65 -34.62 35.13
C THR D 567 33.64 -34.27 36.23
N THR D 568 33.76 -35.16 37.20
CA THR D 568 34.41 -35.03 38.51
C THR D 568 33.55 -34.24 39.50
N LEU D 569 32.46 -33.61 39.06
CA LEU D 569 31.42 -33.07 39.94
C LEU D 569 31.98 -32.16 41.04
N ARG D 570 33.13 -31.54 40.80
CA ARG D 570 33.67 -30.64 41.81
C ARG D 570 33.03 -29.26 41.72
N PRO D 571 32.84 -28.59 42.85
CA PRO D 571 32.34 -27.21 42.81
C PRO D 571 33.32 -26.28 42.13
N ILE D 572 32.77 -25.25 41.46
CA ILE D 572 33.57 -24.31 40.69
C ILE D 572 33.16 -22.89 41.06
N VAL D 573 34.03 -21.94 40.70
CA VAL D 573 33.80 -20.52 40.99
C VAL D 573 33.26 -19.79 39.77
N ASN D 574 33.86 -20.02 38.60
CA ASN D 574 33.45 -19.35 37.37
C ASN D 574 33.04 -20.38 36.33
N HIS D 575 32.28 -19.92 35.35
CA HIS D 575 31.70 -20.78 34.33
C HIS D 575 31.57 -19.98 33.04
N PRO D 576 31.40 -20.62 31.84
CA PRO D 576 31.40 -19.86 30.58
C PRO D 576 30.09 -19.11 30.30
N HIS D 577 29.06 -19.34 31.11
CA HIS D 577 27.83 -18.58 30.90
C HIS D 577 28.10 -17.15 31.32
N TYR D 578 28.08 -16.23 30.36
CA TYR D 578 28.61 -14.89 30.54
C TYR D 578 27.56 -13.79 30.35
N GLU D 579 26.33 -14.15 29.96
CA GLU D 579 25.32 -13.13 29.67
C GLU D 579 24.84 -12.43 30.94
N HIS D 580 24.57 -13.20 32.01
CA HIS D 580 23.99 -12.61 33.26
C HIS D 580 24.94 -11.67 34.01
N VAL D 581 24.61 -11.34 35.27
CA VAL D 581 25.42 -10.33 36.01
C VAL D 581 26.04 -10.95 37.28
N GLY D 582 27.21 -10.46 37.69
CA GLY D 582 27.95 -11.07 38.81
C GLY D 582 28.87 -12.17 38.33
N ILE D 583 28.93 -12.42 37.02
CA ILE D 583 29.92 -13.40 36.48
C ILE D 583 31.12 -12.59 35.99
N ARG D 584 30.90 -11.36 35.52
CA ARG D 584 32.04 -10.60 34.99
C ARG D 584 33.04 -10.25 36.07
N GLU D 585 32.56 -9.93 37.28
CA GLU D 585 33.49 -9.63 38.37
C GLU D 585 34.28 -10.86 38.79
N ARG D 586 33.60 -12.00 38.91
CA ARG D 586 34.29 -13.25 39.24
C ARG D 586 35.31 -13.60 38.17
N THR D 587 34.94 -13.46 36.90
CA THR D 587 35.88 -13.78 35.82
C THR D 587 37.07 -12.83 35.84
N LEU D 588 36.84 -11.54 36.08
CA LEU D 588 37.92 -10.57 36.09
C LEU D 588 38.86 -10.81 37.26
N LYS D 589 38.33 -11.29 38.39
CA LYS D 589 39.20 -11.63 39.52
C LYS D 589 39.95 -12.93 39.30
N VAL D 590 39.32 -13.91 38.65
CA VAL D 590 39.97 -15.20 38.42
C VAL D 590 41.07 -15.07 37.38
N TYR D 591 40.83 -14.31 36.30
CA TYR D 591 41.80 -14.18 35.23
C TYR D 591 42.96 -13.26 35.59
N SER D 592 43.04 -12.79 36.84
CA SER D 592 44.19 -11.99 37.25
C SER D 592 45.46 -12.80 37.38
N MET D 593 45.37 -14.14 37.33
CA MET D 593 46.56 -14.98 37.35
C MET D 593 47.36 -14.84 36.07
N PHE D 594 46.81 -14.22 35.04
CA PHE D 594 47.52 -13.94 33.80
C PHE D 594 47.92 -12.48 33.68
N SER D 595 47.76 -11.70 34.74
CA SER D 595 48.06 -10.27 34.74
C SER D 595 49.50 -10.06 35.21
N LYS D 596 49.85 -8.80 35.49
CA LYS D 596 51.15 -8.44 36.04
C LYS D 596 51.05 -7.98 37.51
N LYS D 597 49.99 -8.38 38.20
CA LYS D 597 49.85 -8.04 39.60
C LYS D 597 50.90 -8.75 40.44
N PRO D 598 51.25 -8.21 41.60
CA PRO D 598 52.14 -8.94 42.51
C PRO D 598 51.53 -10.26 42.92
N ILE D 599 52.38 -11.27 43.09
CA ILE D 599 51.91 -12.63 43.33
C ILE D 599 51.17 -12.72 44.67
N ALA D 600 51.60 -11.95 45.66
CA ALA D 600 50.91 -11.95 46.95
C ALA D 600 49.48 -11.44 46.80
N GLU D 601 49.28 -10.43 45.96
CA GLU D 601 47.95 -9.88 45.76
C GLU D 601 47.01 -10.90 45.12
N VAL D 602 47.47 -11.62 44.09
CA VAL D 602 46.61 -12.60 43.46
C VAL D 602 46.36 -13.78 44.39
N HIS D 603 47.34 -14.14 45.22
CA HIS D 603 47.09 -15.18 46.21
C HIS D 603 46.03 -14.74 47.20
N LYS D 604 46.08 -13.47 47.63
CA LYS D 604 45.04 -12.95 48.52
C LYS D 604 43.68 -12.96 47.85
N ILE D 605 43.63 -12.63 46.56
CA ILE D 605 42.36 -12.66 45.82
C ILE D 605 41.79 -14.08 45.80
N MET D 606 42.64 -15.06 45.48
CA MET D 606 42.19 -16.44 45.47
C MET D 606 41.73 -16.90 46.86
N LYS D 607 42.43 -16.49 47.91
CA LYS D 607 42.00 -16.83 49.27
C LYS D 607 40.64 -16.22 49.57
N GLU D 608 40.42 -14.96 49.17
CA GLU D 608 39.14 -14.30 49.43
C GLU D 608 38.00 -14.99 48.68
N MET D 609 38.24 -15.43 47.44
CA MET D 609 37.19 -16.19 46.77
C MET D 609 37.03 -17.59 47.32
N GLY D 610 38.04 -18.11 48.02
CA GLY D 610 37.93 -19.42 48.64
C GLY D 610 38.28 -20.59 47.75
N VAL D 611 39.13 -20.38 46.76
CA VAL D 611 39.47 -21.44 45.81
C VAL D 611 40.60 -22.28 46.39
N ASN D 612 40.62 -23.55 46.00
CA ASN D 612 41.65 -24.49 46.42
C ASN D 612 42.66 -24.83 45.33
N TYR D 613 42.20 -24.96 44.09
CA TYR D 613 43.07 -25.30 42.98
C TYR D 613 42.79 -24.38 41.79
N PHE D 614 43.84 -24.12 41.01
CA PHE D 614 43.74 -23.33 39.79
C PHE D 614 44.26 -24.16 38.63
N VAL D 615 43.42 -24.35 37.62
CA VAL D 615 43.74 -25.18 36.47
C VAL D 615 43.85 -24.29 35.23
N PHE D 616 44.92 -24.46 34.46
CA PHE D 616 45.07 -23.71 33.22
C PHE D 616 45.96 -24.50 32.27
N GLN D 617 46.23 -23.90 31.11
CA GLN D 617 47.06 -24.52 30.08
C GLN D 617 48.27 -23.65 29.80
N LEU D 618 49.37 -24.29 29.42
CA LEU D 618 50.58 -23.53 29.10
C LEU D 618 50.45 -22.76 27.80
N MET D 619 49.51 -23.13 26.93
CA MET D 619 49.25 -22.35 25.73
C MET D 619 48.41 -21.11 26.00
N ASN D 620 47.91 -20.94 27.22
CA ASN D 620 47.23 -19.71 27.60
C ASN D 620 48.20 -18.57 27.89
N CYS D 621 49.48 -18.88 28.09
CA CYS D 621 50.51 -17.91 28.43
C CYS D 621 51.55 -17.81 27.32
N SER D 622 51.10 -17.90 26.06
CA SER D 622 51.99 -17.89 24.92
C SER D 622 51.80 -16.60 24.13
N ASN D 623 52.91 -15.93 23.83
CA ASN D 623 52.85 -14.71 23.03
C ASN D 623 52.43 -15.04 21.59
N ASP D 624 51.79 -14.08 20.95
CA ASP D 624 51.21 -14.28 19.62
C ASP D 624 51.88 -13.44 18.55
N GLU D 625 51.97 -12.12 18.75
CA GLU D 625 52.64 -11.11 17.93
C GLU D 625 52.00 -10.99 16.55
N ARG D 626 51.03 -11.85 16.25
CA ARG D 626 50.19 -11.71 15.07
C ARG D 626 48.93 -10.91 15.40
N ARG D 627 48.26 -11.30 16.48
CA ARG D 627 47.12 -10.57 17.03
C ARG D 627 47.41 -10.29 18.49
N PRO D 628 48.19 -9.26 18.79
CA PRO D 628 48.35 -8.85 20.20
C PRO D 628 47.03 -8.35 20.75
N GLU D 629 46.98 -8.05 22.04
CA GLU D 629 45.79 -7.57 22.76
C GLU D 629 44.55 -8.43 22.50
N CYS D 630 44.73 -9.62 21.93
CA CYS D 630 43.76 -10.71 22.07
C CYS D 630 44.33 -11.87 22.86
N VAL D 631 45.56 -11.76 23.34
CA VAL D 631 46.09 -12.66 24.34
C VAL D 631 45.97 -11.98 25.70
N TYR D 632 45.91 -12.79 26.75
CA TYR D 632 45.73 -12.23 28.09
C TYR D 632 46.89 -11.33 28.49
N ARG D 633 48.07 -11.55 27.92
CA ARG D 633 49.20 -10.67 28.20
C ARG D 633 48.93 -9.24 27.75
N GLY D 634 48.32 -9.09 26.57
CA GLY D 634 48.02 -7.77 26.05
C GLY D 634 46.68 -7.23 26.49
N MET D 635 45.78 -8.12 26.91
CA MET D 635 44.48 -7.67 27.40
C MET D 635 44.61 -6.96 28.74
N TRP D 636 45.53 -7.43 29.59
CA TRP D 636 45.66 -6.88 30.94
C TRP D 636 46.36 -5.53 30.95
N ASP D 637 47.09 -5.18 29.89
CA ASP D 637 47.76 -3.89 29.85
C ASP D 637 46.76 -2.74 29.69
N GLU D 638 45.66 -2.97 28.98
CA GLU D 638 44.62 -1.96 28.89
C GLU D 638 43.82 -1.88 30.19
N GLU D 639 43.50 -3.02 30.78
CA GLU D 639 42.71 -3.05 32.00
C GLU D 639 43.52 -2.68 33.24
N ASP D 640 44.85 -2.79 33.17
CA ASP D 640 45.71 -2.52 34.33
C ASP D 640 46.99 -1.83 33.86
N PRO D 641 46.88 -0.57 33.42
CA PRO D 641 48.07 0.11 32.88
C PRO D 641 49.19 0.30 33.88
N LYS D 642 48.87 0.46 35.17
CA LYS D 642 49.90 0.87 36.13
C LYS D 642 50.90 -0.24 36.41
N ASN D 643 50.52 -1.51 36.23
CA ASN D 643 51.42 -2.62 36.50
C ASN D 643 52.21 -3.05 35.27
N SER D 644 52.12 -2.31 34.17
CA SER D 644 53.01 -2.55 33.05
C SER D 644 54.44 -2.18 33.43
N GLY D 645 55.39 -2.97 32.95
CA GLY D 645 56.77 -2.85 33.38
C GLY D 645 57.16 -3.80 34.49
N ARG D 646 56.22 -4.58 35.00
CA ARG D 646 56.50 -5.60 36.01
C ARG D 646 56.70 -6.95 35.32
N THR D 647 57.11 -7.94 36.13
CA THR D 647 57.28 -9.29 35.63
C THR D 647 55.91 -9.95 35.50
N ALA D 648 55.58 -10.40 34.29
CA ALA D 648 54.29 -11.04 34.06
C ALA D 648 54.19 -12.34 34.84
N LEU D 649 52.99 -12.61 35.38
CA LEU D 649 52.78 -13.83 36.14
C LEU D 649 52.92 -15.07 35.26
N CYS D 650 52.63 -14.94 33.96
CA CYS D 650 52.75 -16.08 33.06
C CYS D 650 54.19 -16.56 32.96
N ASP D 651 55.15 -15.64 32.99
CA ASP D 651 56.56 -16.02 32.98
C ASP D 651 56.91 -16.87 34.18
N LEU D 652 56.39 -16.50 35.36
CA LEU D 652 56.65 -17.29 36.56
C LEU D 652 56.04 -18.68 36.45
N TRP D 653 54.82 -18.78 35.91
CA TRP D 653 54.19 -20.09 35.74
C TRP D 653 55.01 -20.96 34.78
N ILE D 654 55.47 -20.39 33.67
CA ILE D 654 56.25 -21.17 32.72
C ILE D 654 57.57 -21.61 33.34
N LEU D 655 58.23 -20.71 34.06
CA LEU D 655 59.51 -21.05 34.69
C LEU D 655 59.33 -22.15 35.74
N ALA D 656 58.27 -22.06 36.53
CA ALA D 656 58.01 -23.09 37.53
C ALA D 656 57.67 -24.43 36.88
N ALA D 657 56.89 -24.40 35.79
CA ALA D 657 56.55 -25.65 35.11
C ALA D 657 57.76 -26.28 34.45
N ASN D 658 58.74 -25.48 34.01
CA ASN D 658 59.91 -26.04 33.35
C ASN D 658 60.95 -26.50 34.36
N SER D 659 61.37 -25.61 35.27
CA SER D 659 62.43 -25.94 36.22
C SER D 659 61.98 -26.94 37.27
N LYS D 660 60.67 -27.15 37.42
CA LYS D 660 60.09 -28.21 38.24
C LYS D 660 60.21 -27.95 39.73
N ASP D 661 60.90 -26.87 40.11
CA ASP D 661 61.00 -26.49 41.53
C ASP D 661 60.28 -25.15 41.71
N ASN D 662 59.22 -25.18 42.51
CA ASN D 662 58.36 -24.01 42.70
C ASN D 662 58.78 -23.22 43.95
N SER D 663 60.01 -22.70 43.90
CA SER D 663 60.53 -21.90 45.00
C SER D 663 60.28 -20.41 44.81
N ARG D 664 60.32 -19.91 43.57
CA ARG D 664 60.10 -18.49 43.34
C ARG D 664 58.63 -18.13 43.51
N ILE D 665 57.72 -19.04 43.16
CA ILE D 665 56.30 -18.86 43.48
C ILE D 665 56.09 -19.49 44.85
N ALA D 666 56.39 -18.71 45.89
CA ALA D 666 56.36 -19.28 47.24
C ALA D 666 54.95 -19.60 47.71
N PRO D 667 53.98 -18.66 47.71
CA PRO D 667 52.64 -19.02 48.21
C PRO D 667 51.98 -20.13 47.43
N PHE D 668 52.15 -20.18 46.11
CA PHE D 668 51.53 -21.19 45.29
C PHE D 668 52.40 -22.45 45.26
N LYS D 669 51.91 -23.49 44.58
CA LYS D 669 52.63 -24.75 44.47
C LYS D 669 52.03 -25.55 43.33
N ILE D 670 52.87 -26.03 42.42
CA ILE D 670 52.41 -26.83 41.30
C ILE D 670 52.15 -28.25 41.79
N VAL D 671 50.91 -28.70 41.70
CA VAL D 671 50.55 -30.05 42.11
C VAL D 671 50.33 -30.97 40.92
N TYR D 672 49.94 -30.45 39.76
CA TYR D 672 49.81 -31.29 38.58
C TYR D 672 50.51 -30.66 37.40
N ASN D 673 51.39 -31.43 36.77
CA ASN D 673 52.12 -30.98 35.57
C ASN D 673 52.50 -32.23 34.80
N ALA D 674 51.75 -32.53 33.73
CA ALA D 674 52.02 -33.66 32.87
C ALA D 674 52.17 -33.17 31.43
N ASN D 675 53.25 -33.58 30.78
CA ASN D 675 53.61 -33.28 29.39
C ASN D 675 53.45 -31.81 29.03
N ARG D 676 53.49 -30.93 30.04
CA ARG D 676 53.59 -29.48 29.85
C ARG D 676 52.44 -28.91 29.02
N ASN D 677 51.24 -29.47 29.20
CA ASN D 677 50.04 -28.90 28.58
C ASN D 677 49.06 -28.37 29.61
N TYR D 678 48.61 -29.20 30.54
CA TYR D 678 47.73 -28.76 31.62
C TYR D 678 48.55 -28.59 32.90
N ILE D 679 48.26 -27.54 33.64
CA ILE D 679 48.95 -27.24 34.89
C ILE D 679 47.92 -26.93 35.96
N VAL D 680 48.07 -27.57 37.12
CA VAL D 680 47.20 -27.35 38.28
C VAL D 680 48.05 -26.88 39.43
N LEU D 681 47.77 -25.67 39.91
CA LEU D 681 48.40 -25.05 41.07
C LEU D 681 47.51 -25.22 42.29
N LYS D 682 48.13 -25.36 43.46
CA LYS D 682 47.42 -25.45 44.73
C LYS D 682 47.58 -24.14 45.48
N ILE D 683 46.47 -23.57 45.94
CA ILE D 683 46.47 -22.35 46.72
C ILE D 683 46.55 -22.75 48.19
N LEU D 684 47.67 -22.44 48.83
CA LEU D 684 47.89 -22.83 50.22
C LEU D 684 47.35 -21.79 51.18
N GLY E 1 39.49 -21.25 23.07
CA GLY E 1 38.17 -20.71 22.79
C GLY E 1 37.28 -20.64 24.01
N SER E 2 36.83 -19.44 24.36
CA SER E 2 35.97 -19.28 25.54
C SER E 2 34.62 -19.95 25.33
N TRP E 3 34.11 -19.87 24.11
CA TRP E 3 32.76 -20.40 23.80
C TRP E 3 32.82 -21.31 22.58
N ALA E 4 31.74 -22.05 22.34
CA ALA E 4 31.68 -22.98 21.21
C ALA E 4 31.78 -22.24 19.89
N LYS E 5 32.40 -22.91 18.92
CA LYS E 5 32.68 -22.34 17.62
C LYS E 5 31.92 -23.09 16.53
N TRP E 6 31.62 -22.38 15.42
CA TRP E 6 30.73 -22.90 14.35
C TRP E 6 31.23 -24.20 13.69
N SER E 7 32.51 -24.55 13.82
CA SER E 7 33.02 -25.79 13.23
C SER E 7 32.88 -25.80 11.72
#